data_5A3L
#
_entry.id   5A3L
#
_cell.length_a   102.340
_cell.length_b   106.210
_cell.length_c   107.600
_cell.angle_alpha   90.00
_cell.angle_beta   90.00
_cell.angle_gamma   90.00
#
_symmetry.space_group_name_H-M   'P 21 21 21'
#
loop_
_entity.id
_entity.type
_entity.pdbx_description
1 polymer CEA1
2 non-polymer 'CALCIUM ION'
3 non-polymer 2-acetamido-2-deoxy-beta-D-glucopyranose
4 non-polymer 2-acetamido-2-deoxy-alpha-D-glucopyranose
5 non-polymer DI(HYDROXYETHYL)ETHER
6 non-polymer 'SODIUM ION'
7 non-polymer 'CITRIC ACID'
8 non-polymer GLYCEROL
9 water water
#
_entity_poly.entity_id   1
_entity_poly.type   'polypeptide(L)'
_entity_poly.pdbx_seq_one_letter_code
;MGSSHHHHHHSSGLVPRGSHMDDSGNGDNSDTAYGCDITTNAVDGFDATIYQYNANDLRLIRDPTFMSTGYLGRNVLNKI
SGVTVPGFNIWNPSSRTATVYGVKNVNYYNMVLELKGYFKADVSGDYKLTLSHIDDSSMLFFGKETAFKCCDAGSIPLNE
APTDYSLFTIKPSNQVNSEVISATQYLEAGKYYPVRIVFVNALERARFDFKLTIPSGAVLDDFQNYIYQFGDLDENSCHE
;
_entity_poly.pdbx_strand_id   A,B,C,D
#
# COMPACT_ATOMS: atom_id res chain seq x y z
N THR A 32 30.90 -12.34 2.19
CA THR A 32 31.00 -11.69 3.54
C THR A 32 30.87 -10.15 3.53
N ALA A 33 31.55 -9.42 2.63
CA ALA A 33 31.39 -7.94 2.55
C ALA A 33 30.34 -7.58 1.50
N TYR A 34 29.38 -6.74 1.88
CA TYR A 34 28.36 -6.28 0.94
C TYR A 34 28.59 -4.83 0.57
N GLY A 35 29.76 -4.31 0.91
CA GLY A 35 30.15 -2.97 0.53
C GLY A 35 31.62 -2.75 0.85
N CYS A 36 32.15 -1.65 0.35
CA CYS A 36 33.57 -1.32 0.49
C CYS A 36 33.74 0.17 0.77
N ASP A 37 34.81 0.52 1.47
CA ASP A 37 35.16 1.93 1.64
C ASP A 37 35.51 2.63 0.33
N ILE A 38 36.22 1.95 -0.57
CA ILE A 38 36.65 2.57 -1.83
C ILE A 38 35.85 1.98 -2.99
N THR A 39 35.03 2.84 -3.58
CA THR A 39 34.18 2.45 -4.71
C THR A 39 34.38 3.42 -5.87
N THR A 40 35.61 3.93 -5.99
CA THR A 40 35.92 4.96 -6.98
C THR A 40 35.89 4.43 -8.41
N ASN A 41 35.83 3.12 -8.58
CA ASN A 41 35.72 2.49 -9.88
C ASN A 41 34.28 2.33 -10.38
N ALA A 42 33.30 2.73 -9.56
CA ALA A 42 31.90 2.67 -10.01
C ALA A 42 31.62 3.84 -10.95
N VAL A 43 31.05 3.54 -12.12
CA VAL A 43 30.73 4.55 -13.10
C VAL A 43 29.29 4.38 -13.52
N ASP A 44 28.70 5.46 -14.02
CA ASP A 44 27.27 5.46 -14.28
C ASP A 44 26.88 4.62 -15.49
N GLY A 45 25.70 4.02 -15.39
CA GLY A 45 24.90 3.64 -16.56
C GLY A 45 24.78 2.15 -16.83
N PHE A 46 23.70 1.77 -17.49
CA PHE A 46 23.59 0.45 -18.08
C PHE A 46 24.58 0.30 -19.23
N ASP A 47 25.03 -0.94 -19.41
CA ASP A 47 25.70 -1.34 -20.64
C ASP A 47 24.63 -1.99 -21.54
N ALA A 48 24.54 -1.50 -22.76
CA ALA A 48 23.58 -1.98 -23.73
C ALA A 48 24.30 -2.84 -24.78
N THR A 49 23.73 -3.99 -25.09
CA THR A 49 24.18 -4.79 -26.25
C THR A 49 22.98 -5.02 -27.17
N ILE A 50 23.15 -4.71 -28.45
CA ILE A 50 22.09 -4.88 -29.43
C ILE A 50 22.45 -6.04 -30.35
N TYR A 51 21.51 -6.96 -30.52
CA TYR A 51 21.69 -8.18 -31.33
C TYR A 51 20.75 -8.21 -32.51
N GLN A 52 21.17 -8.93 -33.55
CA GLN A 52 20.33 -9.21 -34.68
C GLN A 52 19.06 -10.00 -34.30
N TYR A 53 17.94 -9.68 -34.93
CA TYR A 53 16.67 -10.38 -34.73
C TYR A 53 15.93 -10.38 -36.07
N ASN A 54 15.35 -11.53 -36.45
CA ASN A 54 14.70 -11.64 -37.78
C ASN A 54 13.42 -10.81 -37.84
N ALA A 55 13.33 -9.91 -38.82
CA ALA A 55 12.12 -9.08 -38.97
C ALA A 55 10.89 -9.97 -39.11
N ASN A 56 9.82 -9.58 -38.41
CA ASN A 56 8.51 -10.23 -38.48
C ASN A 56 8.37 -11.53 -37.71
N ASP A 57 9.38 -11.89 -36.94
CA ASP A 57 9.32 -13.12 -36.17
C ASP A 57 8.53 -12.85 -34.88
N LEU A 58 7.27 -13.24 -34.89
CA LEU A 58 6.38 -13.06 -33.71
C LEU A 58 6.31 -14.32 -32.87
N ARG A 59 7.20 -15.29 -33.12
CA ARG A 59 7.25 -16.52 -32.34
C ARG A 59 8.28 -16.42 -31.21
N LEU A 60 9.50 -16.00 -31.51
CA LEU A 60 10.55 -16.02 -30.50
C LEU A 60 10.35 -14.98 -29.39
N ILE A 61 9.61 -13.92 -29.68
CA ILE A 61 9.28 -12.92 -28.65
C ILE A 61 8.50 -13.52 -27.48
N ARG A 62 7.83 -14.65 -27.69
CA ARG A 62 7.07 -15.35 -26.64
C ARG A 62 7.76 -16.55 -26.05
N ASP A 63 9.01 -16.78 -26.48
CA ASP A 63 9.73 -17.98 -26.11
C ASP A 63 10.62 -17.61 -24.93
N PRO A 64 10.31 -18.16 -23.72
CA PRO A 64 11.11 -17.73 -22.59
C PRO A 64 12.58 -18.15 -22.64
N THR A 65 12.88 -19.26 -23.31
CA THR A 65 14.25 -19.66 -23.47
C THR A 65 14.99 -18.68 -24.37
N PHE A 66 14.35 -18.25 -25.45
CA PHE A 66 14.99 -17.29 -26.33
C PHE A 66 15.28 -15.97 -25.59
N MET A 67 14.29 -15.51 -24.82
CA MET A 67 14.41 -14.24 -24.12
C MET A 67 15.42 -14.25 -22.97
N SER A 68 15.65 -15.41 -22.39
CA SER A 68 16.60 -15.53 -21.30
C SER A 68 18.02 -15.84 -21.76
N THR A 69 18.15 -16.71 -22.76
CA THR A 69 19.47 -17.19 -23.19
C THR A 69 19.69 -17.28 -24.71
N GLY A 70 18.66 -17.61 -25.47
CA GLY A 70 18.81 -17.87 -26.89
C GLY A 70 19.33 -16.70 -27.69
N TYR A 71 18.93 -15.49 -27.29
CA TYR A 71 19.35 -14.30 -28.01
C TYR A 71 20.88 -14.13 -28.03
N LEU A 72 21.56 -14.69 -27.05
CA LEU A 72 23.01 -14.53 -26.91
C LEU A 72 23.80 -15.13 -28.07
N GLY A 73 23.18 -16.03 -28.83
CA GLY A 73 23.79 -16.64 -30.01
C GLY A 73 23.68 -15.86 -31.31
N ARG A 74 23.01 -14.71 -31.27
CA ARG A 74 22.82 -13.89 -32.45
C ARG A 74 24.01 -12.92 -32.66
N ASN A 75 24.17 -12.44 -33.88
CA ASN A 75 25.21 -11.48 -34.18
C ASN A 75 25.01 -10.20 -33.35
N VAL A 76 26.09 -9.68 -32.77
CA VAL A 76 26.06 -8.39 -32.10
C VAL A 76 26.14 -7.25 -33.09
N LEU A 77 25.19 -6.32 -33.00
CA LEU A 77 25.13 -5.14 -33.86
C LEU A 77 25.77 -3.91 -33.21
N ASN A 78 25.63 -3.75 -31.89
CA ASN A 78 26.12 -2.55 -31.19
C ASN A 78 26.43 -2.84 -29.74
N LYS A 79 27.41 -2.13 -29.21
CA LYS A 79 27.70 -2.09 -27.77
C LYS A 79 27.78 -0.62 -27.38
N ILE A 80 27.00 -0.24 -26.37
CA ILE A 80 26.85 1.13 -25.93
C ILE A 80 26.89 1.19 -24.40
N SER A 81 27.76 2.03 -23.83
CA SER A 81 27.85 2.18 -22.38
CA SER A 81 27.85 2.19 -22.38
C SER A 81 27.32 3.55 -21.95
N GLY A 82 27.14 3.71 -20.64
CA GLY A 82 26.79 4.98 -20.03
C GLY A 82 25.34 5.37 -20.03
N VAL A 83 24.46 4.41 -20.31
CA VAL A 83 23.04 4.68 -20.57
C VAL A 83 22.31 4.88 -19.21
N THR A 84 21.73 6.06 -18.91
CA THR A 84 20.97 6.27 -17.67
C THR A 84 19.47 6.42 -17.91
N VAL A 85 19.07 6.74 -19.14
CA VAL A 85 17.65 6.90 -19.50
C VAL A 85 17.33 5.80 -20.54
N PRO A 86 16.87 4.65 -20.07
CA PRO A 86 16.82 3.48 -20.95
C PRO A 86 15.59 3.39 -21.84
N GLY A 87 14.52 4.10 -21.48
CA GLY A 87 13.28 4.00 -22.22
C GLY A 87 13.29 4.72 -23.56
N PHE A 88 12.51 4.20 -24.49
CA PHE A 88 12.29 4.82 -25.80
C PHE A 88 10.98 4.37 -26.44
N ASN A 89 10.54 5.12 -27.46
CA ASN A 89 9.35 4.74 -28.22
C ASN A 89 9.55 5.23 -29.63
N ILE A 90 10.02 4.33 -30.47
CA ILE A 90 10.50 4.69 -31.78
C ILE A 90 9.67 4.03 -32.85
N TRP A 91 9.18 4.85 -33.80
CA TRP A 91 8.55 4.30 -34.99
C TRP A 91 8.67 5.33 -36.12
N ASN A 92 9.46 4.99 -37.13
CA ASN A 92 9.59 5.83 -38.32
C ASN A 92 9.14 5.04 -39.52
N PRO A 93 7.95 5.38 -40.07
CA PRO A 93 7.44 4.62 -41.19
C PRO A 93 8.33 4.65 -42.43
N SER A 94 9.29 5.56 -42.47
CA SER A 94 10.16 5.76 -43.62
CA SER A 94 10.17 5.72 -43.62
C SER A 94 11.59 5.22 -43.40
N SER A 95 11.89 4.69 -42.20
CA SER A 95 13.24 4.15 -41.95
C SER A 95 13.24 3.04 -40.91
N ARG A 96 14.01 2.00 -41.17
CA ARG A 96 14.19 0.89 -40.23
C ARG A 96 15.32 1.15 -39.24
N THR A 97 15.98 2.30 -39.36
CA THR A 97 17.03 2.69 -38.44
C THR A 97 16.70 4.03 -37.78
N ALA A 98 17.32 4.27 -36.65
CA ALA A 98 17.11 5.47 -35.87
C ALA A 98 18.27 5.64 -34.92
N THR A 99 18.36 6.82 -34.34
CA THR A 99 19.31 7.09 -33.29
C THR A 99 18.80 6.50 -31.98
N VAL A 100 19.60 5.64 -31.36
CA VAL A 100 19.25 5.01 -30.09
C VAL A 100 20.43 5.19 -29.15
N TYR A 101 20.15 5.71 -27.95
CA TYR A 101 21.18 5.96 -26.96
C TYR A 101 22.37 6.73 -27.53
N GLY A 102 22.08 7.70 -28.39
CA GLY A 102 23.10 8.58 -28.96
C GLY A 102 23.85 8.02 -30.14
N VAL A 103 23.51 6.81 -30.56
CA VAL A 103 24.20 6.15 -31.65
C VAL A 103 23.34 6.15 -32.89
N LYS A 104 23.88 6.69 -33.98
CA LYS A 104 23.13 6.79 -35.21
C LYS A 104 22.95 5.43 -35.86
N ASN A 105 21.89 5.32 -36.66
CA ASN A 105 21.68 4.20 -37.57
C ASN A 105 21.55 2.84 -36.88
N VAL A 106 20.95 2.84 -35.69
CA VAL A 106 20.67 1.59 -34.98
C VAL A 106 19.43 0.96 -35.61
N ASN A 107 19.48 -0.35 -35.85
CA ASN A 107 18.37 -1.07 -36.51
C ASN A 107 17.21 -1.38 -35.53
N TYR A 108 16.52 -0.31 -35.10
CA TYR A 108 15.47 -0.42 -34.06
C TYR A 108 14.32 -1.32 -34.52
N TYR A 109 14.08 -1.38 -35.83
CA TYR A 109 12.92 -2.04 -36.39
C TYR A 109 12.84 -3.54 -36.06
N ASN A 110 14.00 -4.17 -35.96
CA ASN A 110 14.10 -5.56 -35.65
C ASN A 110 15.42 -5.81 -34.95
N MET A 111 15.35 -6.09 -33.65
CA MET A 111 16.54 -6.18 -32.82
C MET A 111 16.21 -6.79 -31.47
N VAL A 112 17.25 -7.30 -30.81
CA VAL A 112 17.23 -7.60 -29.39
C VAL A 112 18.15 -6.62 -28.67
N LEU A 113 17.64 -6.04 -27.58
CA LEU A 113 18.43 -5.15 -26.72
C LEU A 113 18.60 -5.82 -25.37
N GLU A 114 19.84 -5.86 -24.88
CA GLU A 114 20.13 -6.30 -23.54
C GLU A 114 20.75 -5.15 -22.74
N LEU A 115 20.17 -4.87 -21.57
CA LEU A 115 20.68 -3.87 -20.66
C LEU A 115 21.13 -4.56 -19.38
N LYS A 116 22.34 -4.28 -18.93
CA LYS A 116 22.88 -4.88 -17.71
C LYS A 116 23.56 -3.84 -16.85
N GLY A 117 23.51 -4.06 -15.54
CA GLY A 117 24.26 -3.21 -14.59
C GLY A 117 23.97 -3.59 -13.16
N TYR A 118 24.47 -2.77 -12.23
CA TYR A 118 24.21 -2.94 -10.82
C TYR A 118 23.36 -1.78 -10.31
N PHE A 119 22.23 -2.11 -9.72
CA PHE A 119 21.35 -1.14 -9.13
C PHE A 119 21.76 -0.88 -7.68
N LYS A 120 21.98 0.39 -7.34
CA LYS A 120 22.36 0.79 -5.98
CA LYS A 120 22.35 0.78 -5.98
C LYS A 120 21.16 1.43 -5.29
N ALA A 121 20.77 0.91 -4.15
CA ALA A 121 19.72 1.58 -3.38
C ALA A 121 20.39 2.74 -2.65
N ASP A 122 19.77 3.91 -2.67
CA ASP A 122 20.27 5.04 -1.92
CA ASP A 122 20.37 5.00 -1.87
C ASP A 122 19.79 4.93 -0.45
N VAL A 123 18.48 4.88 -0.33
CA VAL A 123 17.80 4.75 0.96
C VAL A 123 17.21 3.35 1.04
N SER A 124 16.94 2.89 2.26
CA SER A 124 16.27 1.63 2.42
C SER A 124 14.78 1.74 2.13
N GLY A 125 14.21 0.65 1.60
CA GLY A 125 12.79 0.62 1.38
C GLY A 125 12.40 -0.18 0.17
N ASP A 126 11.12 -0.13 -0.17
CA ASP A 126 10.62 -0.85 -1.32
C ASP A 126 10.86 -0.09 -2.61
N TYR A 127 11.50 -0.76 -3.57
CA TYR A 127 11.74 -0.20 -4.89
C TYR A 127 10.98 -1.05 -5.90
N LYS A 128 10.35 -0.39 -6.86
CA LYS A 128 9.53 -1.07 -7.86
C LYS A 128 10.11 -0.79 -9.25
N LEU A 129 10.24 -1.87 -10.03
CA LEU A 129 10.58 -1.79 -11.44
C LEU A 129 9.36 -2.19 -12.24
N THR A 130 8.99 -1.37 -13.21
CA THR A 130 7.76 -1.54 -13.96
C THR A 130 8.03 -1.54 -15.45
N LEU A 131 7.46 -2.53 -16.15
CA LEU A 131 7.47 -2.55 -17.61
C LEU A 131 6.05 -2.28 -18.09
N SER A 132 5.89 -1.31 -18.98
CA SER A 132 4.55 -0.86 -19.43
C SER A 132 4.42 -0.82 -20.96
N HIS A 133 3.33 -1.41 -21.45
CA HIS A 133 2.93 -1.29 -22.87
C HIS A 133 4.06 -1.63 -23.83
N ILE A 134 4.79 -2.67 -23.48
CA ILE A 134 5.99 -3.05 -24.25
C ILE A 134 5.61 -3.57 -25.65
N ASP A 135 6.37 -3.09 -26.65
CA ASP A 135 6.20 -3.54 -28.05
C ASP A 135 7.60 -3.85 -28.56
N ASP A 136 7.98 -5.11 -28.71
CA ASP A 136 7.13 -6.31 -28.68
C ASP A 136 7.17 -7.15 -27.38
N SER A 137 8.34 -7.32 -26.78
CA SER A 137 8.43 -8.12 -25.56
C SER A 137 9.63 -7.77 -24.71
N SER A 138 9.52 -8.05 -23.41
CA SER A 138 10.63 -7.80 -22.52
C SER A 138 10.63 -8.76 -21.33
N MET A 139 11.82 -9.11 -20.87
CA MET A 139 12.00 -9.96 -19.70
C MET A 139 13.03 -9.29 -18.79
N LEU A 140 12.72 -9.27 -17.50
N LEU A 140 12.71 -9.26 -17.50
CA LEU A 140 13.56 -8.63 -16.50
CA LEU A 140 13.55 -8.60 -16.47
C LEU A 140 14.05 -9.61 -15.43
C LEU A 140 14.05 -9.60 -15.42
N PHE A 141 15.33 -9.51 -15.10
CA PHE A 141 16.00 -10.31 -14.07
C PHE A 141 16.56 -9.35 -13.02
N PHE A 142 16.27 -9.60 -11.75
CA PHE A 142 16.78 -8.76 -10.66
C PHE A 142 17.30 -9.65 -9.56
N GLY A 143 18.57 -9.44 -9.19
CA GLY A 143 19.29 -10.33 -8.30
C GLY A 143 19.30 -9.85 -6.87
N LYS A 144 19.71 -10.75 -6.01
CA LYS A 144 19.90 -10.42 -4.63
C LYS A 144 21.18 -9.59 -4.51
N GLU A 145 21.37 -9.05 -3.34
CA GLU A 145 22.50 -8.22 -3.05
C GLU A 145 23.80 -8.84 -3.46
N THR A 146 24.67 -8.10 -4.14
CA THR A 146 25.99 -8.65 -4.45
C THR A 146 26.96 -8.43 -3.29
N ALA A 147 27.78 -9.45 -3.06
CA ALA A 147 28.96 -9.31 -2.21
C ALA A 147 30.10 -8.70 -3.03
N PHE A 148 31.11 -8.22 -2.31
CA PHE A 148 32.25 -7.57 -2.92
C PHE A 148 33.56 -8.10 -2.35
N LYS A 149 34.58 -8.00 -3.18
CA LYS A 149 35.96 -8.01 -2.75
C LYS A 149 36.46 -6.57 -2.79
N CYS A 150 36.99 -6.10 -1.68
CA CYS A 150 37.38 -4.70 -1.55
C CYS A 150 38.88 -4.55 -1.78
N CYS A 151 39.25 -3.72 -2.76
CA CYS A 151 40.66 -3.49 -3.14
C CYS A 151 41.03 -2.03 -2.96
N ASP A 152 42.33 -1.71 -3.02
CA ASP A 152 42.80 -0.33 -2.88
C ASP A 152 42.26 0.60 -3.94
N ALA A 153 42.14 0.10 -5.17
CA ALA A 153 41.75 0.94 -6.30
C ALA A 153 40.25 0.87 -6.59
N GLY A 154 39.51 0.09 -5.81
CA GLY A 154 38.07 -0.06 -5.99
C GLY A 154 37.50 -1.38 -5.54
N SER A 155 36.21 -1.59 -5.82
CA SER A 155 35.48 -2.75 -5.37
C SER A 155 35.18 -3.70 -6.54
N ILE A 156 35.20 -4.98 -6.25
CA ILE A 156 34.92 -6.01 -7.26
C ILE A 156 33.68 -6.77 -6.88
N PRO A 157 32.59 -6.63 -7.65
CA PRO A 157 31.38 -7.37 -7.34
C PRO A 157 31.57 -8.85 -7.65
N LEU A 158 31.10 -9.70 -6.76
CA LEU A 158 31.36 -11.14 -6.87
C LEU A 158 30.21 -11.91 -7.50
N ASN A 159 29.01 -11.31 -7.52
N ASN A 159 29.04 -11.32 -7.60
CA ASN A 159 27.74 -11.92 -7.98
CA ASN A 159 28.00 -12.00 -8.36
C ASN A 159 27.13 -11.19 -9.20
C ASN A 159 27.14 -11.17 -9.25
N GLU A 160 26.40 -11.89 -10.08
CA GLU A 160 26.19 -11.44 -11.46
C GLU A 160 25.43 -12.59 -12.10
N ALA A 161 24.89 -12.39 -13.30
CA ALA A 161 24.06 -13.35 -13.94
C ALA A 161 23.07 -14.03 -12.96
N PRO A 162 22.12 -13.22 -12.41
CA PRO A 162 20.88 -13.82 -12.03
C PRO A 162 20.23 -14.45 -13.28
N THR A 163 19.69 -15.65 -13.09
CA THR A 163 19.29 -16.48 -14.22
C THR A 163 17.80 -16.68 -14.30
N ASP A 164 17.08 -16.51 -13.18
CA ASP A 164 15.63 -16.69 -13.16
C ASP A 164 14.94 -15.34 -13.35
N TYR A 165 14.04 -15.24 -14.31
CA TYR A 165 13.38 -13.96 -14.57
C TYR A 165 12.35 -13.67 -13.49
N SER A 166 11.99 -12.40 -13.38
CA SER A 166 10.86 -11.95 -12.56
C SER A 166 9.64 -11.62 -13.42
N LEU A 167 9.84 -10.87 -14.51
CA LEU A 167 8.77 -10.32 -15.32
C LEU A 167 8.99 -10.70 -16.76
N PHE A 168 7.89 -11.11 -17.40
CA PHE A 168 7.89 -11.34 -18.83
C PHE A 168 6.59 -10.81 -19.43
N THR A 169 6.71 -9.81 -20.30
CA THR A 169 5.57 -9.14 -20.91
C THR A 169 5.69 -9.20 -22.42
N ILE A 170 4.59 -9.55 -23.09
CA ILE A 170 4.57 -9.70 -24.55
C ILE A 170 3.34 -9.00 -25.15
N LYS A 171 3.56 -8.18 -26.18
CA LYS A 171 2.46 -7.55 -26.90
C LYS A 171 1.69 -8.59 -27.71
N PRO A 172 0.36 -8.68 -27.51
CA PRO A 172 -0.41 -9.58 -28.40
C PRO A 172 -0.32 -9.12 -29.86
N SER A 173 -0.27 -10.11 -30.76
CA SER A 173 0.02 -9.83 -32.15
C SER A 173 -1.02 -8.88 -32.72
N ASN A 174 -0.58 -7.71 -33.21
CA ASN A 174 -1.46 -6.76 -33.85
C ASN A 174 -2.52 -6.14 -32.97
N GLN A 175 -2.39 -6.22 -31.65
CA GLN A 175 -3.34 -5.62 -30.74
C GLN A 175 -2.58 -4.84 -29.72
N VAL A 176 -3.27 -3.97 -29.01
CA VAL A 176 -2.67 -3.12 -28.01
C VAL A 176 -2.03 -3.96 -26.91
N ASN A 177 -0.88 -3.51 -26.40
CA ASN A 177 -0.29 -4.07 -25.18
C ASN A 177 -0.74 -3.21 -23.99
N SER A 178 -1.78 -3.66 -23.31
CA SER A 178 -2.32 -2.95 -22.14
C SER A 178 -1.67 -3.40 -20.84
N GLU A 179 -0.70 -4.31 -20.94
CA GLU A 179 -0.03 -4.85 -19.77
C GLU A 179 0.90 -3.85 -19.09
N VAL A 180 0.75 -3.75 -17.78
CA VAL A 180 1.69 -3.03 -16.94
C VAL A 180 2.07 -4.02 -15.83
N ILE A 181 3.34 -4.45 -15.81
CA ILE A 181 3.77 -5.52 -14.89
C ILE A 181 4.95 -5.03 -14.08
N SER A 182 4.96 -5.40 -12.80
CA SER A 182 5.93 -4.80 -11.89
C SER A 182 6.41 -5.75 -10.83
N ALA A 183 7.64 -5.47 -10.37
CA ALA A 183 8.26 -6.21 -9.28
C ALA A 183 8.75 -5.21 -8.28
N THR A 184 8.29 -5.40 -7.05
CA THR A 184 8.69 -4.58 -5.91
C THR A 184 9.43 -5.46 -4.91
N GLN A 185 10.53 -4.94 -4.37
CA GLN A 185 11.22 -5.64 -3.29
C GLN A 185 11.92 -4.64 -2.39
N TYR A 186 12.19 -5.08 -1.17
CA TYR A 186 12.90 -4.27 -0.22
C TYR A 186 14.38 -4.29 -0.48
N LEU A 187 14.96 -3.10 -0.62
CA LEU A 187 16.40 -2.96 -0.79
C LEU A 187 17.00 -2.20 0.40
N GLU A 188 18.24 -2.53 0.71
CA GLU A 188 18.97 -1.93 1.84
CA GLU A 188 18.96 -1.92 1.83
C GLU A 188 19.84 -0.78 1.34
N ALA A 189 19.79 0.35 2.04
CA ALA A 189 20.59 1.52 1.71
C ALA A 189 22.05 1.17 1.47
N GLY A 190 22.56 1.62 0.33
CA GLY A 190 23.98 1.47 0.01
C GLY A 190 24.39 0.16 -0.64
N LYS A 191 23.46 -0.79 -0.76
CA LYS A 191 23.75 -2.11 -1.29
C LYS A 191 23.46 -2.13 -2.80
N TYR A 192 24.15 -3.04 -3.50
CA TYR A 192 24.07 -3.18 -4.95
C TYR A 192 23.41 -4.50 -5.37
N TYR A 193 22.60 -4.41 -6.43
CA TYR A 193 21.78 -5.53 -6.90
C TYR A 193 21.91 -5.67 -8.42
N PRO A 194 22.41 -6.81 -8.90
CA PRO A 194 22.57 -6.92 -10.36
C PRO A 194 21.23 -6.99 -11.06
N VAL A 195 21.16 -6.35 -12.23
CA VAL A 195 19.93 -6.33 -13.01
C VAL A 195 20.24 -6.56 -14.49
N ARG A 196 19.34 -7.30 -15.15
CA ARG A 196 19.41 -7.48 -16.62
C ARG A 196 18.01 -7.34 -17.19
N ILE A 197 17.88 -6.57 -18.26
CA ILE A 197 16.63 -6.44 -18.96
C ILE A 197 16.86 -6.78 -20.44
N VAL A 198 15.98 -7.62 -20.98
CA VAL A 198 16.02 -8.01 -22.38
C VAL A 198 14.77 -7.46 -23.05
N PHE A 199 14.94 -6.82 -24.20
CA PHE A 199 13.83 -6.24 -24.97
C PHE A 199 13.97 -6.66 -26.43
N VAL A 200 12.84 -7.01 -27.05
CA VAL A 200 12.83 -7.36 -28.47
C VAL A 200 11.79 -6.55 -29.23
N ASN A 201 12.21 -6.02 -30.37
CA ASN A 201 11.30 -5.50 -31.38
C ASN A 201 11.36 -6.42 -32.58
N ALA A 202 10.22 -6.98 -32.95
CA ALA A 202 10.12 -7.85 -34.11
C ALA A 202 9.90 -7.09 -35.41
N LEU A 203 9.20 -5.97 -35.35
CA LEU A 203 8.93 -5.13 -36.52
C LEU A 203 8.32 -3.84 -36.08
N GLU A 204 8.48 -2.83 -36.91
CA GLU A 204 7.82 -1.53 -36.76
C GLU A 204 8.14 -0.88 -35.42
N ARG A 205 7.13 -0.52 -34.63
CA ARG A 205 7.37 0.29 -33.43
C ARG A 205 8.15 -0.51 -32.38
N ALA A 206 9.13 0.16 -31.77
CA ALA A 206 9.90 -0.35 -30.64
C ALA A 206 9.52 0.51 -29.45
N ARG A 207 8.76 -0.05 -28.52
CA ARG A 207 8.31 0.70 -27.32
C ARG A 207 8.81 -0.03 -26.08
N PHE A 208 9.75 0.63 -25.40
CA PHE A 208 10.40 0.10 -24.19
C PHE A 208 10.26 1.11 -23.09
N ASP A 209 9.29 0.89 -22.21
CA ASP A 209 8.87 1.82 -21.16
C ASP A 209 9.20 1.11 -19.85
N PHE A 210 10.25 1.58 -19.20
CA PHE A 210 10.85 0.92 -18.05
C PHE A 210 11.06 2.00 -16.98
N LYS A 211 10.35 1.88 -15.85
CA LYS A 211 10.31 2.94 -14.84
C LYS A 211 10.61 2.41 -13.46
N LEU A 212 11.19 3.29 -12.65
CA LEU A 212 11.61 3.00 -11.30
C LEU A 212 10.77 3.84 -10.34
N THR A 213 10.19 3.18 -9.33
CA THR A 213 9.55 3.89 -8.24
C THR A 213 10.38 3.66 -7.00
N ILE A 214 10.82 4.76 -6.39
CA ILE A 214 11.70 4.70 -5.22
C ILE A 214 10.84 4.83 -3.94
N PRO A 215 11.46 4.61 -2.75
CA PRO A 215 10.65 4.52 -1.55
C PRO A 215 9.87 5.80 -1.23
N SER A 216 10.32 6.96 -1.69
CA SER A 216 9.55 8.22 -1.50
C SER A 216 8.23 8.23 -2.24
N GLY A 217 8.10 7.37 -3.25
CA GLY A 217 6.96 7.35 -4.13
C GLY A 217 7.19 8.00 -5.48
N ALA A 218 8.33 8.67 -5.64
CA ALA A 218 8.70 9.29 -6.93
C ALA A 218 8.86 8.20 -7.99
N VAL A 219 8.40 8.51 -9.18
CA VAL A 219 8.53 7.63 -10.34
C VAL A 219 9.54 8.25 -11.29
N LEU A 220 10.58 7.48 -11.62
CA LEU A 220 11.70 7.97 -12.40
CA LEU A 220 11.71 7.98 -12.40
C LEU A 220 11.89 7.21 -13.71
N ASP A 221 12.20 7.93 -14.77
CA ASP A 221 12.66 7.26 -16.00
CA ASP A 221 12.64 7.37 -16.04
C ASP A 221 14.17 7.40 -16.19
N ASP A 222 14.82 8.14 -15.29
CA ASP A 222 16.26 8.40 -15.29
C ASP A 222 16.90 7.69 -14.11
N PHE A 223 17.83 6.77 -14.41
CA PHE A 223 18.48 5.93 -13.42
C PHE A 223 19.84 6.44 -12.97
N GLN A 224 20.20 7.64 -13.40
CA GLN A 224 21.47 8.21 -12.96
C GLN A 224 21.50 8.27 -11.43
N ASN A 225 22.63 7.82 -10.87
CA ASN A 225 22.87 7.68 -9.44
C ASN A 225 22.21 6.46 -8.81
N TYR A 226 21.56 5.63 -9.61
CA TYR A 226 21.05 4.33 -9.19
C TYR A 226 21.70 3.17 -9.95
N ILE A 227 22.13 3.37 -11.20
CA ILE A 227 22.66 2.29 -12.02
C ILE A 227 24.15 2.47 -12.33
N TYR A 228 24.92 1.40 -12.12
CA TYR A 228 26.37 1.45 -12.22
C TYR A 228 26.99 0.24 -12.90
N GLN A 229 28.20 0.48 -13.39
CA GLN A 229 29.17 -0.58 -13.68
C GLN A 229 30.34 -0.39 -12.73
N PHE A 230 31.10 -1.48 -12.56
CA PHE A 230 32.33 -1.45 -11.77
C PHE A 230 33.48 -1.70 -12.70
N GLY A 231 34.39 -0.75 -12.77
CA GLY A 231 35.62 -0.91 -13.56
C GLY A 231 36.47 -2.08 -13.08
N ASP A 232 37.09 -2.78 -14.02
CA ASP A 232 38.01 -3.88 -13.68
C ASP A 232 39.26 -3.28 -13.07
N LEU A 233 39.90 -4.06 -12.22
CA LEU A 233 41.19 -3.69 -11.69
C LEU A 233 42.13 -4.89 -11.67
N ASP A 234 43.42 -4.60 -11.58
CA ASP A 234 44.47 -5.61 -11.50
C ASP A 234 44.38 -6.36 -10.17
N GLU A 235 44.00 -7.62 -10.21
CA GLU A 235 43.77 -8.37 -8.99
C GLU A 235 45.08 -8.71 -8.29
N ASN A 236 46.21 -8.56 -8.97
CA ASN A 236 47.52 -8.72 -8.29
C ASN A 236 47.82 -7.59 -7.33
N SER A 237 47.18 -6.43 -7.52
CA SER A 237 47.50 -5.23 -6.75
C SER A 237 46.25 -4.82 -5.99
N CYS A 238 45.38 -5.78 -5.70
CA CYS A 238 44.15 -5.49 -4.96
CA CYS A 238 44.16 -5.49 -4.95
C CYS A 238 44.56 -4.95 -3.60
N HIS A 239 45.49 -5.65 -2.97
CA HIS A 239 46.16 -5.20 -1.77
C HIS A 239 47.66 -5.10 -2.03
N GLU A 240 48.35 -4.48 -1.09
CA GLU A 240 49.78 -4.27 -1.24
C GLU A 240 50.57 -5.51 -0.76
N THR B 32 10.48 33.48 2.78
CA THR B 32 10.22 32.40 3.80
C THR B 32 11.23 31.27 3.73
N ALA B 33 11.93 31.07 4.86
CA ALA B 33 12.93 30.03 4.97
C ALA B 33 12.34 28.81 5.69
N TYR B 34 12.49 27.64 5.06
CA TYR B 34 12.04 26.39 5.66
C TYR B 34 13.23 25.57 6.16
N GLY B 35 14.39 26.21 6.25
CA GLY B 35 15.58 25.58 6.80
C GLY B 35 16.65 26.63 6.99
N CYS B 36 17.70 26.27 7.72
CA CYS B 36 18.82 27.15 8.02
C CYS B 36 20.15 26.43 7.87
N ASP B 37 21.19 27.19 7.54
CA ASP B 37 22.56 26.64 7.54
C ASP B 37 23.00 26.14 8.93
N ILE B 38 22.68 26.88 9.98
CA ILE B 38 23.13 26.52 11.33
C ILE B 38 21.94 26.01 12.14
N THR B 39 21.99 24.73 12.48
CA THR B 39 20.92 24.09 13.25
C THR B 39 21.55 23.36 14.45
N THR B 40 22.66 23.89 14.94
CA THR B 40 23.44 23.24 15.98
C THR B 40 22.70 23.24 17.30
N ASN B 41 21.66 24.07 17.41
CA ASN B 41 20.82 24.15 18.62
C ASN B 41 19.70 23.12 18.65
N ALA B 42 19.56 22.30 17.63
CA ALA B 42 18.55 21.22 17.68
C ALA B 42 19.03 20.09 18.59
N VAL B 43 18.18 19.68 19.53
CA VAL B 43 18.50 18.62 20.48
C VAL B 43 17.35 17.62 20.53
N ASP B 44 17.64 16.44 21.03
CA ASP B 44 16.71 15.33 20.91
C ASP B 44 15.54 15.44 21.86
N GLY B 45 14.39 14.96 21.39
CA GLY B 45 13.31 14.55 22.24
C GLY B 45 12.08 15.43 22.29
N PHE B 46 10.96 14.81 22.63
CA PHE B 46 9.78 15.56 22.99
C PHE B 46 10.00 16.30 24.33
N ASP B 47 9.33 17.44 24.46
CA ASP B 47 9.14 18.08 25.74
C ASP B 47 7.79 17.64 26.26
N ALA B 48 7.79 17.11 27.47
CA ALA B 48 6.60 16.63 28.13
C ALA B 48 6.17 17.62 29.22
N THR B 49 4.89 17.91 29.27
CA THR B 49 4.32 18.70 30.36
C THR B 49 3.22 17.85 30.93
N ILE B 50 3.23 17.68 32.25
CA ILE B 50 2.19 16.94 32.94
C ILE B 50 1.35 17.90 33.75
N TYR B 51 0.02 17.80 33.59
CA TYR B 51 -0.95 18.69 34.25
C TYR B 51 -1.89 17.92 35.14
N GLN B 52 -2.43 18.63 36.12
CA GLN B 52 -3.47 18.12 36.99
C GLN B 52 -4.74 17.74 36.22
N TYR B 53 -5.34 16.64 36.64
CA TYR B 53 -6.61 16.16 36.06
C TYR B 53 -7.41 15.49 37.17
N ASN B 54 -8.72 15.75 37.27
CA ASN B 54 -9.53 15.21 38.36
C ASN B 54 -9.70 13.69 38.23
N ALA B 55 -9.34 12.94 39.26
CA ALA B 55 -9.54 11.49 39.25
C ALA B 55 -11.00 11.13 38.99
N ASN B 56 -11.21 10.15 38.12
CA ASN B 56 -12.53 9.62 37.78
C ASN B 56 -13.38 10.50 36.87
N ASP B 57 -12.79 11.56 36.31
CA ASP B 57 -13.52 12.40 35.39
C ASP B 57 -13.50 11.73 34.01
N LEU B 58 -14.60 11.06 33.67
CA LEU B 58 -14.75 10.40 32.38
C LEU B 58 -15.53 11.27 31.38
N ARG B 59 -15.75 12.54 31.71
CA ARG B 59 -16.43 13.47 30.82
C ARG B 59 -15.43 14.24 29.96
N LEU B 60 -14.40 14.80 30.56
CA LEU B 60 -13.53 15.72 29.80
C LEU B 60 -12.63 14.97 28.82
N ILE B 61 -12.41 13.69 29.06
CA ILE B 61 -11.61 12.86 28.12
C ILE B 61 -12.25 12.78 26.72
N ARG B 62 -13.56 13.00 26.63
CA ARG B 62 -14.31 12.97 25.38
CA ARG B 62 -14.28 12.96 25.37
C ARG B 62 -14.60 14.37 24.81
N ASP B 63 -14.13 15.41 25.49
CA ASP B 63 -14.46 16.80 25.15
C ASP B 63 -13.38 17.35 24.26
N PRO B 64 -13.66 17.56 22.97
CA PRO B 64 -12.57 17.98 22.09
C PRO B 64 -11.98 19.36 22.41
N THR B 65 -12.77 20.27 22.99
CA THR B 65 -12.24 21.55 23.43
C THR B 65 -11.25 21.37 24.57
N PHE B 66 -11.58 20.50 25.52
CA PHE B 66 -10.67 20.26 26.63
C PHE B 66 -9.36 19.66 26.14
N MET B 67 -9.47 18.69 25.22
CA MET B 67 -8.31 17.98 24.72
C MET B 67 -7.41 18.85 23.85
N SER B 68 -7.98 19.90 23.23
CA SER B 68 -7.23 20.75 22.34
C SER B 68 -6.67 22.01 23.00
N THR B 69 -7.46 22.62 23.89
CA THR B 69 -7.04 23.86 24.55
C THR B 69 -7.30 23.92 26.03
N GLY B 70 -8.39 23.31 26.50
CA GLY B 70 -8.84 23.48 27.89
C GLY B 70 -7.84 23.01 28.93
N TYR B 71 -7.09 21.96 28.61
CA TYR B 71 -6.14 21.41 29.57
C TYR B 71 -5.05 22.41 29.96
N LEU B 72 -4.79 23.37 29.08
CA LEU B 72 -3.70 24.33 29.30
C LEU B 72 -3.98 25.27 30.46
N GLY B 73 -5.24 25.33 30.89
CA GLY B 73 -5.60 26.11 32.08
C GLY B 73 -5.34 25.40 33.42
N ARG B 74 -4.89 24.16 33.39
CA ARG B 74 -4.67 23.36 34.62
C ARG B 74 -3.29 23.59 35.23
N ASN B 75 -3.17 23.28 36.51
CA ASN B 75 -1.90 23.35 37.23
C ASN B 75 -0.87 22.40 36.56
N VAL B 76 0.36 22.88 36.36
CA VAL B 76 1.48 22.03 35.92
C VAL B 76 2.06 21.24 37.07
N LEU B 77 2.20 19.92 36.88
CA LEU B 77 2.80 19.03 37.85
C LEU B 77 4.25 18.72 37.55
N ASN B 78 4.60 18.62 36.27
CA ASN B 78 5.97 18.26 35.86
C ASN B 78 6.29 18.82 34.49
N LYS B 79 7.57 19.18 34.31
CA LYS B 79 8.13 19.48 33.00
C LYS B 79 9.32 18.54 32.84
N ILE B 80 9.34 17.79 31.73
CA ILE B 80 10.36 16.82 31.45
C ILE B 80 10.81 16.98 30.00
N SER B 81 12.10 17.18 29.77
CA SER B 81 12.63 17.30 28.41
C SER B 81 13.42 16.05 28.03
N GLY B 82 13.71 15.94 26.73
CA GLY B 82 14.59 14.89 26.24
C GLY B 82 13.92 13.53 26.07
N VAL B 83 12.60 13.51 25.91
CA VAL B 83 11.90 12.24 25.83
C VAL B 83 11.97 11.65 24.40
N THR B 84 12.66 10.54 24.17
CA THR B 84 12.69 9.90 22.83
C THR B 84 11.84 8.64 22.73
N VAL B 85 11.52 8.01 23.85
CA VAL B 85 10.70 6.79 23.85
C VAL B 85 9.46 7.14 24.71
N PRO B 86 8.39 7.55 24.05
CA PRO B 86 7.26 8.18 24.77
C PRO B 86 6.23 7.20 25.37
N GLY B 87 6.25 5.94 24.91
CA GLY B 87 5.23 4.99 25.25
C GLY B 87 5.31 4.39 26.64
N PHE B 88 4.15 4.07 27.17
CA PHE B 88 4.07 3.40 28.45
C PHE B 88 2.74 2.69 28.65
N ASN B 89 2.71 1.76 29.60
CA ASN B 89 1.48 1.10 30.00
C ASN B 89 1.65 0.84 31.49
N ILE B 90 1.13 1.74 32.29
CA ILE B 90 1.40 1.78 33.71
C ILE B 90 0.12 1.52 34.49
N TRP B 91 0.17 0.52 35.38
CA TRP B 91 -0.93 0.28 36.29
C TRP B 91 -0.40 -0.42 37.54
N ASN B 92 -0.42 0.31 38.64
CA ASN B 92 0.01 -0.25 39.93
C ASN B 92 -1.18 -0.15 40.87
N PRO B 93 -1.81 -1.29 41.15
CA PRO B 93 -2.96 -1.27 42.04
C PRO B 93 -2.66 -0.75 43.45
N SER B 94 -1.37 -0.65 43.81
CA SER B 94 -0.98 -0.21 45.15
CA SER B 94 -0.96 -0.24 45.15
C SER B 94 -0.40 1.20 45.20
N SER B 95 -0.33 1.89 44.05
CA SER B 95 0.18 3.26 44.06
C SER B 95 -0.37 4.10 42.92
N ARG B 96 -0.71 5.34 43.22
CA ARG B 96 -1.19 6.28 42.19
C ARG B 96 -0.04 7.04 41.56
N THR B 97 1.19 6.77 41.98
CA THR B 97 2.36 7.38 41.39
C THR B 97 3.31 6.30 40.84
N ALA B 98 4.18 6.71 39.95
CA ALA B 98 5.13 5.84 39.28
C ALA B 98 6.23 6.67 38.66
N THR B 99 7.31 6.00 38.29
CA THR B 99 8.37 6.64 37.54
C THR B 99 7.92 6.74 36.08
N VAL B 100 7.93 7.96 35.54
CA VAL B 100 7.54 8.22 34.15
C VAL B 100 8.66 9.04 33.55
N TYR B 101 9.17 8.59 32.40
CA TYR B 101 10.22 9.28 31.71
C TYR B 101 11.41 9.62 32.62
N GLY B 102 11.76 8.67 33.50
CA GLY B 102 12.88 8.81 34.40
C GLY B 102 12.64 9.64 35.64
N VAL B 103 11.44 10.17 35.80
CA VAL B 103 11.11 11.06 36.92
C VAL B 103 10.27 10.30 37.92
N LYS B 104 10.76 10.25 39.16
CA LYS B 104 10.05 9.53 40.22
C LYS B 104 8.77 10.23 40.65
N ASN B 105 7.82 9.44 41.15
CA ASN B 105 6.62 9.92 41.83
C ASN B 105 5.71 10.80 40.96
N VAL B 106 5.61 10.46 39.67
CA VAL B 106 4.69 11.13 38.76
C VAL B 106 3.29 10.55 39.01
N ASN B 107 2.30 11.42 39.08
CA ASN B 107 0.92 11.05 39.37
C ASN B 107 0.21 10.48 38.12
N TYR B 108 0.65 9.30 37.70
CA TYR B 108 0.18 8.70 36.43
C TYR B 108 -1.33 8.36 36.46
N TYR B 109 -1.87 8.12 37.65
CA TYR B 109 -3.23 7.67 37.84
C TYR B 109 -4.29 8.63 37.31
N ASN B 110 -4.00 9.92 37.40
CA ASN B 110 -4.90 10.95 36.94
C ASN B 110 -4.07 12.17 36.57
N MET B 111 -4.00 12.42 35.27
CA MET B 111 -3.10 13.43 34.73
C MET B 111 -3.40 13.70 33.27
N VAL B 112 -2.97 14.87 32.81
CA VAL B 112 -2.87 15.18 31.40
C VAL B 112 -1.41 15.26 31.06
N LEU B 113 -1.04 14.67 29.93
CA LEU B 113 0.30 14.72 29.40
C LEU B 113 0.26 15.41 28.04
N GLU B 114 1.13 16.39 27.84
CA GLU B 114 1.31 17.01 26.56
C GLU B 114 2.72 16.74 26.10
N LEU B 115 2.84 16.19 24.89
CA LEU B 115 4.13 16.00 24.23
C LEU B 115 4.19 16.94 23.04
N LYS B 116 5.25 17.70 22.93
CA LYS B 116 5.46 18.65 21.82
C LYS B 116 6.89 18.57 21.30
N GLY B 117 7.05 18.79 19.99
CA GLY B 117 8.36 18.88 19.39
C GLY B 117 8.26 19.07 17.89
N TYR B 118 9.40 19.00 17.22
CA TYR B 118 9.51 19.13 15.77
C TYR B 118 10.00 17.84 15.17
N PHE B 119 9.19 17.30 14.25
CA PHE B 119 9.53 16.07 13.58
C PHE B 119 10.34 16.39 12.32
N LYS B 120 11.53 15.81 12.20
CA LYS B 120 12.39 16.02 11.04
CA LYS B 120 12.39 16.01 11.04
C LYS B 120 12.31 14.79 10.12
N ALA B 121 11.94 15.01 8.86
CA ALA B 121 11.96 13.91 7.90
C ALA B 121 13.38 13.83 7.42
N ASP B 122 14.03 12.70 7.57
CA ASP B 122 15.42 12.60 7.10
C ASP B 122 15.38 12.31 5.59
N VAL B 123 14.44 11.48 5.16
CA VAL B 123 14.21 11.18 3.74
C VAL B 123 12.80 11.58 3.35
N SER B 124 12.58 11.78 2.05
CA SER B 124 11.25 12.09 1.57
C SER B 124 10.39 10.84 1.49
N GLY B 125 9.09 11.02 1.73
CA GLY B 125 8.15 9.93 1.60
C GLY B 125 7.04 10.01 2.58
N ASP B 126 6.25 8.95 2.60
CA ASP B 126 5.11 8.88 3.49
C ASP B 126 5.50 8.43 4.88
N TYR B 127 5.11 9.21 5.87
CA TYR B 127 5.34 8.87 7.28
C TYR B 127 3.99 8.71 7.96
N LYS B 128 3.86 7.69 8.79
CA LYS B 128 2.62 7.39 9.50
C LYS B 128 2.84 7.52 11.00
N LEU B 129 1.90 8.19 11.65
CA LEU B 129 1.83 8.26 13.11
C LEU B 129 0.61 7.52 13.59
N THR B 130 0.79 6.64 14.56
CA THR B 130 -0.27 5.72 14.99
C THR B 130 -0.46 5.79 16.51
N LEU B 131 -1.70 5.92 16.95
CA LEU B 131 -2.04 5.78 18.38
C LEU B 131 -2.82 4.49 18.54
N SER B 132 -2.42 3.68 19.54
CA SER B 132 -2.98 2.37 19.74
C SER B 132 -3.39 2.14 21.20
N HIS B 133 -4.55 1.55 21.40
CA HIS B 133 -4.96 1.01 22.69
C HIS B 133 -4.92 2.04 23.81
N ILE B 134 -5.20 3.29 23.44
CA ILE B 134 -5.03 4.38 24.41
C ILE B 134 -6.00 4.30 25.60
N ASP B 135 -5.48 4.49 26.82
CA ASP B 135 -6.30 4.48 28.04
C ASP B 135 -5.86 5.69 28.85
N ASP B 136 -6.62 6.79 28.92
CA ASP B 136 -8.02 6.92 28.53
C ASP B 136 -8.28 7.60 27.17
N SER B 137 -7.53 8.64 26.84
CA SER B 137 -7.80 9.35 25.56
C SER B 137 -6.58 10.10 25.07
N SER B 138 -6.51 10.31 23.76
CA SER B 138 -5.44 11.08 23.17
C SER B 138 -5.87 11.79 21.91
N MET B 139 -5.27 12.95 21.68
CA MET B 139 -5.52 13.77 20.48
C MET B 139 -4.19 14.19 19.90
N LEU B 140 -4.05 14.06 18.57
CA LEU B 140 -2.79 14.34 17.88
CA LEU B 140 -2.82 14.36 17.90
C LEU B 140 -3.00 15.47 16.86
N PHE B 141 -2.07 16.40 16.86
CA PHE B 141 -2.00 17.52 15.92
C PHE B 141 -0.67 17.46 15.16
N PHE B 142 -0.77 17.50 13.83
CA PHE B 142 0.41 17.34 12.96
C PHE B 142 0.03 17.66 11.53
N GLY B 143 0.85 18.42 10.83
N GLY B 143 0.87 18.40 10.85
CA GLY B 143 0.51 18.66 9.44
CA GLY B 143 0.66 18.60 9.46
C GLY B 143 1.47 19.42 8.59
C GLY B 143 1.83 19.41 8.93
N LYS B 144 1.67 20.73 8.82
CA LYS B 144 2.50 21.49 7.90
C LYS B 144 3.93 21.77 8.34
N GLU B 145 4.87 21.96 7.39
CA GLU B 145 6.29 22.30 7.66
C GLU B 145 6.37 23.64 8.37
N THR B 146 7.32 23.73 9.28
CA THR B 146 7.59 25.04 9.89
C THR B 146 8.58 25.87 9.06
N ALA B 147 8.31 27.16 9.04
CA ALA B 147 9.30 28.15 8.64
C ALA B 147 10.26 28.43 9.80
N PHE B 148 11.38 29.06 9.48
CA PHE B 148 12.42 29.40 10.47
C PHE B 148 12.91 30.83 10.32
N LYS B 149 13.36 31.36 11.47
CA LYS B 149 14.26 32.51 11.51
C LYS B 149 15.64 31.92 11.76
N CYS B 150 16.56 32.22 10.85
CA CYS B 150 17.91 31.72 10.92
C CYS B 150 18.79 32.78 11.61
N CYS B 151 19.33 32.43 12.76
CA CYS B 151 20.15 33.33 13.56
C CYS B 151 21.58 32.80 13.48
N ASP B 152 22.53 33.63 13.91
CA ASP B 152 23.94 33.26 13.89
C ASP B 152 24.25 32.03 14.75
N ALA B 153 23.57 31.91 15.88
CA ALA B 153 23.82 30.82 16.84
C ALA B 153 22.89 29.60 16.70
N GLY B 154 21.96 29.64 15.74
CA GLY B 154 21.02 28.53 15.53
C GLY B 154 19.71 29.00 14.90
N SER B 155 18.78 28.06 14.83
CA SER B 155 17.50 28.32 14.20
C SER B 155 16.39 28.50 15.18
N ILE B 156 15.41 29.29 14.77
CA ILE B 156 14.18 29.48 15.54
C ILE B 156 12.98 29.09 14.69
N PRO B 157 12.30 27.99 15.05
CA PRO B 157 11.06 27.64 14.37
C PRO B 157 9.95 28.66 14.65
N LEU B 158 9.21 29.03 13.61
CA LEU B 158 8.20 30.09 13.71
C LEU B 158 6.75 29.59 13.83
N ASN B 159 6.52 28.31 13.52
CA ASN B 159 5.17 27.74 13.44
C ASN B 159 4.98 26.62 14.44
N GLU B 160 3.73 26.53 14.87
CA GLU B 160 3.28 25.56 15.84
C GLU B 160 2.48 24.49 15.10
N ALA B 161 2.09 23.41 15.79
CA ALA B 161 1.35 22.35 15.12
C ALA B 161 -0.01 22.93 14.72
N PRO B 162 -0.68 22.28 13.76
CA PRO B 162 -2.00 22.78 13.37
C PRO B 162 -2.98 22.83 14.54
N THR B 163 -3.86 23.83 14.53
CA THR B 163 -4.88 23.98 15.56
C THR B 163 -5.91 22.87 15.45
N ASP B 164 -6.13 22.34 14.26
CA ASP B 164 -7.12 21.30 14.03
C ASP B 164 -6.50 19.94 14.28
N TYR B 165 -7.17 19.09 15.04
CA TYR B 165 -6.62 17.75 15.27
C TYR B 165 -6.77 16.87 14.06
N SER B 166 -5.96 15.83 14.00
CA SER B 166 -6.07 14.78 13.01
C SER B 166 -6.73 13.56 13.62
N LEU B 167 -6.27 13.11 14.79
CA LEU B 167 -6.69 11.86 15.42
C LEU B 167 -7.22 12.17 16.81
N PHE B 168 -8.33 11.52 17.15
CA PHE B 168 -8.86 11.56 18.50
C PHE B 168 -9.38 10.16 18.86
N THR B 169 -8.77 9.55 19.87
CA THR B 169 -9.08 8.18 20.29
C THR B 169 -9.42 8.17 21.79
N ILE B 170 -10.50 7.49 22.13
CA ILE B 170 -11.02 7.43 23.49
C ILE B 170 -11.34 5.98 23.84
N LYS B 171 -10.86 5.53 24.99
CA LYS B 171 -11.17 4.17 25.49
C LYS B 171 -12.62 4.05 25.91
N PRO B 172 -13.35 3.02 25.43
CA PRO B 172 -14.69 2.80 25.97
C PRO B 172 -14.63 2.30 27.41
N SER B 173 -15.60 2.69 28.21
CA SER B 173 -15.63 2.30 29.62
CA SER B 173 -15.62 2.31 29.62
C SER B 173 -15.52 0.80 29.87
N ASN B 174 -16.20 0.02 29.03
CA ASN B 174 -16.35 -1.41 29.34
C ASN B 174 -15.30 -2.41 28.84
N GLN B 175 -14.22 -1.91 28.26
CA GLN B 175 -13.28 -2.82 27.63
C GLN B 175 -11.98 -2.10 27.32
N VAL B 176 -10.95 -2.92 27.07
CA VAL B 176 -9.65 -2.42 26.60
C VAL B 176 -9.91 -1.70 25.27
N ASN B 177 -9.24 -0.58 25.06
CA ASN B 177 -9.36 0.14 23.82
C ASN B 177 -8.68 -0.67 22.72
N SER B 178 -9.44 -1.13 21.74
CA SER B 178 -8.89 -1.89 20.64
C SER B 178 -8.54 -1.01 19.45
N GLU B 179 -8.81 0.30 19.58
CA GLU B 179 -8.64 1.25 18.48
C GLU B 179 -7.18 1.45 18.14
N VAL B 180 -6.89 1.38 16.85
CA VAL B 180 -5.60 1.69 16.32
C VAL B 180 -5.85 2.70 15.21
N ILE B 181 -5.50 3.96 15.45
CA ILE B 181 -5.86 5.04 14.53
C ILE B 181 -4.60 5.71 14.04
N SER B 182 -4.56 6.05 12.75
CA SER B 182 -3.33 6.50 12.12
CA SER B 182 -3.34 6.53 12.15
C SER B 182 -3.53 7.60 11.09
N ALA B 183 -2.50 8.45 10.98
CA ALA B 183 -2.44 9.50 9.98
C ALA B 183 -1.12 9.36 9.22
N THR B 184 -1.23 9.28 7.91
CA THR B 184 -0.08 9.16 7.00
C THR B 184 -0.05 10.36 6.08
N GLN B 185 1.11 10.98 5.92
CA GLN B 185 1.23 12.08 4.97
C GLN B 185 2.64 12.08 4.40
N TYR B 186 2.76 12.75 3.25
CA TYR B 186 4.07 12.93 2.63
C TYR B 186 4.85 14.04 3.27
N LEU B 187 6.08 13.71 3.66
CA LEU B 187 7.03 14.69 4.18
C LEU B 187 8.23 14.81 3.26
N GLU B 188 8.82 16.01 3.24
CA GLU B 188 9.98 16.32 2.41
CA GLU B 188 9.97 16.33 2.40
C GLU B 188 11.28 16.22 3.20
N ALA B 189 12.27 15.55 2.64
CA ALA B 189 13.58 15.41 3.27
C ALA B 189 14.12 16.75 3.77
N GLY B 190 14.54 16.75 5.03
CA GLY B 190 15.20 17.89 5.64
C GLY B 190 14.28 18.94 6.24
N LYS B 191 12.99 18.77 6.09
CA LYS B 191 12.02 19.75 6.61
C LYS B 191 11.55 19.28 7.99
N TYR B 192 11.10 20.25 8.79
CA TYR B 192 10.64 20.03 10.15
C TYR B 192 9.16 20.31 10.24
N TYR B 193 8.46 19.48 11.00
CA TYR B 193 7.02 19.54 11.13
C TYR B 193 6.65 19.53 12.62
N PRO B 194 6.04 20.61 13.12
CA PRO B 194 5.63 20.61 14.54
C PRO B 194 4.55 19.60 14.83
N VAL B 195 4.69 18.96 15.97
CA VAL B 195 3.75 17.94 16.40
C VAL B 195 3.37 18.17 17.86
N ARG B 196 2.11 17.93 18.18
CA ARG B 196 1.63 17.99 19.57
C ARG B 196 0.71 16.81 19.81
N ILE B 197 0.95 16.09 20.89
CA ILE B 197 0.09 15.00 21.29
C ILE B 197 -0.37 15.26 22.73
N VAL B 198 -1.67 15.13 22.94
CA VAL B 198 -2.27 15.26 24.27
C VAL B 198 -2.78 13.89 24.69
N PHE B 199 -2.50 13.52 25.93
CA PHE B 199 -2.93 12.25 26.50
C PHE B 199 -3.55 12.49 27.87
N VAL B 200 -4.65 11.82 28.16
CA VAL B 200 -5.28 11.91 29.49
C VAL B 200 -5.49 10.52 30.07
N ASN B 201 -5.09 10.36 31.34
CA ASN B 201 -5.53 9.26 32.17
C ASN B 201 -6.49 9.78 33.25
N ALA B 202 -7.69 9.25 33.28
CA ALA B 202 -8.69 9.64 34.26
C ALA B 202 -8.60 8.83 35.55
N LEU B 203 -8.17 7.58 35.47
CA LEU B 203 -8.02 6.72 36.65
C LEU B 203 -7.34 5.43 36.23
N GLU B 204 -6.71 4.80 37.19
CA GLU B 204 -6.12 3.47 37.04
C GLU B 204 -5.09 3.43 35.92
N ARG B 205 -5.25 2.50 34.97
CA ARG B 205 -4.20 2.28 33.98
C ARG B 205 -4.03 3.51 33.07
N ALA B 206 -2.77 3.87 32.86
CA ALA B 206 -2.40 4.87 31.86
C ALA B 206 -1.69 4.12 30.75
N ARG B 207 -2.29 4.09 29.57
CA ARG B 207 -1.66 3.44 28.41
C ARG B 207 -1.57 4.42 27.24
N PHE B 208 -0.33 4.65 26.83
CA PHE B 208 0.00 5.54 25.74
C PHE B 208 0.96 4.80 24.81
N ASP B 209 0.47 4.45 23.63
CA ASP B 209 1.22 3.67 22.63
C ASP B 209 1.21 4.48 21.33
N PHE B 210 2.38 4.98 20.96
CA PHE B 210 2.53 5.94 19.87
C PHE B 210 3.69 5.48 19.01
N LYS B 211 3.40 5.16 17.73
CA LYS B 211 4.40 4.56 16.86
C LYS B 211 4.54 5.34 15.56
N LEU B 212 5.74 5.27 15.01
CA LEU B 212 6.11 5.91 13.78
C LEU B 212 6.46 4.88 12.72
N THR B 213 5.87 5.01 11.53
CA THR B 213 6.29 4.17 10.41
C THR B 213 6.90 5.07 9.37
N ILE B 214 8.16 4.80 9.02
CA ILE B 214 8.95 5.65 8.14
C ILE B 214 8.87 5.11 6.70
N PRO B 215 9.40 5.87 5.72
CA PRO B 215 9.18 5.47 4.33
C PRO B 215 9.75 4.08 3.98
N SER B 216 10.80 3.64 4.67
CA SER B 216 11.36 2.29 4.46
C SER B 216 10.40 1.17 4.84
N GLY B 217 9.39 1.49 5.67
CA GLY B 217 8.44 0.52 6.22
C GLY B 217 8.74 0.11 7.65
N ALA B 218 9.89 0.52 8.16
CA ALA B 218 10.21 0.24 9.57
C ALA B 218 9.21 0.91 10.50
N VAL B 219 8.86 0.19 11.57
CA VAL B 219 7.96 0.71 12.61
C VAL B 219 8.78 0.95 13.86
N LEU B 220 8.73 2.18 14.37
CA LEU B 220 9.58 2.60 15.48
C LEU B 220 8.76 3.08 16.68
N ASP B 221 9.20 2.73 17.88
CA ASP B 221 8.66 3.34 19.12
CA ASP B 221 8.73 3.30 19.14
C ASP B 221 9.67 4.29 19.76
N ASP B 222 10.82 4.42 19.12
CA ASP B 222 11.92 5.28 19.54
C ASP B 222 12.03 6.38 18.48
N PHE B 223 11.85 7.62 18.92
CA PHE B 223 11.85 8.76 18.02
C PHE B 223 13.20 9.51 18.00
N GLN B 224 14.21 8.97 18.66
CA GLN B 224 15.55 9.58 18.56
C GLN B 224 15.95 9.66 17.06
N ASN B 225 16.43 10.84 16.68
CA ASN B 225 16.83 11.19 15.32
C ASN B 225 15.68 11.56 14.41
N TYR B 226 14.48 11.65 14.99
CA TYR B 226 13.34 12.22 14.30
C TYR B 226 12.67 13.36 15.04
N ILE B 227 12.64 13.31 16.37
CA ILE B 227 11.97 14.35 17.16
C ILE B 227 12.98 15.27 17.86
N TYR B 228 12.75 16.58 17.72
CA TYR B 228 13.68 17.58 18.19
C TYR B 228 13.02 18.76 18.89
N GLN B 229 13.81 19.42 19.72
CA GLN B 229 13.58 20.78 20.14
C GLN B 229 14.68 21.65 19.59
N PHE B 230 14.38 22.93 19.53
CA PHE B 230 15.35 23.92 19.16
C PHE B 230 15.67 24.73 20.40
N GLY B 231 16.92 24.67 20.83
CA GLY B 231 17.37 25.36 22.02
C GLY B 231 17.17 26.86 21.87
N ASP B 232 16.95 27.51 23.02
CA ASP B 232 16.84 28.97 23.04
C ASP B 232 18.21 29.56 22.75
N LEU B 233 18.19 30.76 22.20
CA LEU B 233 19.39 31.55 21.97
C LEU B 233 19.09 33.01 22.29
N ASP B 234 20.14 33.80 22.45
CA ASP B 234 20.04 35.22 22.63
C ASP B 234 19.58 35.87 21.32
N GLU B 235 18.35 36.35 21.32
CA GLU B 235 17.75 36.83 20.07
C GLU B 235 18.29 38.19 19.63
N ASN B 236 19.10 38.84 20.47
CA ASN B 236 19.86 40.00 19.99
C ASN B 236 20.79 39.63 18.82
N SER B 237 21.01 38.32 18.64
CA SER B 237 21.76 37.81 17.48
CA SER B 237 21.75 37.77 17.51
C SER B 237 20.90 37.38 16.27
N CYS B 238 19.67 37.89 16.21
CA CYS B 238 18.73 37.65 15.09
C CYS B 238 18.30 38.94 14.40
N HIS B 239 17.92 38.86 13.12
CA HIS B 239 17.24 40.00 12.46
C HIS B 239 15.78 39.97 12.82
N GLU B 240 15.16 41.14 12.93
CA GLU B 240 13.73 41.27 13.27
C GLU B 240 12.97 42.02 12.19
N ALA C 33 -14.41 -17.83 -33.17
CA ALA C 33 -15.39 -17.43 -32.09
C ALA C 33 -14.71 -17.31 -30.73
N TYR C 34 -14.88 -16.16 -30.08
CA TYR C 34 -14.34 -15.92 -28.74
C TYR C 34 -15.42 -15.97 -27.68
N GLY C 35 -16.60 -16.46 -28.08
CA GLY C 35 -17.69 -16.69 -27.17
C GLY C 35 -18.77 -17.51 -27.84
N CYS C 36 -19.71 -18.00 -27.03
CA CYS C 36 -20.81 -18.83 -27.52
C CYS C 36 -22.12 -18.42 -26.86
N ASP C 37 -23.22 -18.65 -27.57
CA ASP C 37 -24.55 -18.52 -27.01
C ASP C 37 -24.80 -19.37 -25.78
N ILE C 38 -24.41 -20.64 -25.89
CA ILE C 38 -24.70 -21.63 -24.87
C ILE C 38 -23.40 -21.95 -24.11
N THR C 39 -23.37 -21.56 -22.84
CA THR C 39 -22.21 -21.77 -21.97
C THR C 39 -22.64 -22.46 -20.68
N THR C 40 -23.67 -23.29 -20.78
CA THR C 40 -24.30 -23.91 -19.61
C THR C 40 -23.39 -24.93 -18.91
N ASN C 41 -22.29 -25.32 -19.57
CA ASN C 41 -21.27 -26.20 -18.97
C ASN C 41 -20.20 -25.46 -18.14
N ALA C 42 -20.25 -24.13 -18.10
CA ALA C 42 -19.29 -23.38 -17.29
C ALA C 42 -19.64 -23.52 -15.80
N VAL C 43 -18.64 -23.82 -14.98
CA VAL C 43 -18.79 -23.84 -13.51
C VAL C 43 -17.70 -22.96 -12.90
N ASP C 44 -17.84 -22.62 -11.60
CA ASP C 44 -16.95 -21.66 -10.85
C ASP C 44 -15.75 -22.26 -10.11
N GLY C 45 -14.69 -21.45 -9.98
CA GLY C 45 -13.55 -21.76 -9.11
C GLY C 45 -12.36 -22.30 -9.86
N PHE C 46 -11.17 -22.17 -9.26
CA PHE C 46 -9.99 -22.82 -9.78
C PHE C 46 -10.08 -24.31 -9.59
N ASP C 47 -9.44 -25.05 -10.47
CA ASP C 47 -9.10 -26.45 -10.24
C ASP C 47 -7.68 -26.54 -9.71
N ALA C 48 -7.52 -27.19 -8.54
CA ALA C 48 -6.24 -27.34 -7.90
C ALA C 48 -5.76 -28.77 -8.09
N THR C 49 -4.47 -28.91 -8.42
CA THR C 49 -3.82 -30.20 -8.40
C THR C 49 -2.63 -30.06 -7.50
N ILE C 50 -2.47 -31.00 -6.56
CA ILE C 50 -1.34 -31.00 -5.66
C ILE C 50 -0.48 -32.19 -6.02
N TYR C 51 0.81 -31.92 -6.19
CA TYR C 51 1.80 -32.93 -6.57
C TYR C 51 2.87 -33.13 -5.49
N GLN C 52 3.47 -34.32 -5.51
CA GLN C 52 4.60 -34.63 -4.68
C GLN C 52 5.81 -33.71 -5.00
N TYR C 53 6.53 -33.33 -3.96
CA TYR C 53 7.76 -32.55 -4.09
C TYR C 53 8.71 -32.97 -2.97
N ASN C 54 9.99 -33.16 -3.27
CA ASN C 54 10.94 -33.63 -2.26
C ASN C 54 11.20 -32.59 -1.17
N ALA C 55 11.01 -32.96 0.09
CA ALA C 55 11.30 -32.03 1.19
C ALA C 55 12.74 -31.53 1.14
N ASN C 56 12.92 -30.22 1.36
CA ASN C 56 14.23 -29.58 1.42
C ASN C 56 14.93 -29.37 0.09
N ASP C 57 14.24 -29.62 -1.02
CA ASP C 57 14.80 -29.38 -2.34
C ASP C 57 14.67 -27.89 -2.67
N LEU C 58 15.77 -27.16 -2.47
CA LEU C 58 15.81 -25.72 -2.76
C LEU C 58 16.40 -25.44 -4.14
N ARG C 59 16.56 -26.48 -4.96
CA ARG C 59 17.10 -26.35 -6.29
C ARG C 59 15.95 -26.18 -7.31
N LEU C 60 14.95 -27.06 -7.26
CA LEU C 60 13.95 -27.06 -8.32
C LEU C 60 12.98 -25.87 -8.22
N ILE C 61 12.84 -25.30 -7.03
CA ILE C 61 12.05 -24.06 -6.86
C ILE C 61 12.56 -22.87 -7.70
N ARG C 62 13.85 -22.94 -8.09
CA ARG C 62 14.46 -21.88 -8.90
CA ARG C 62 14.58 -21.97 -8.90
C ARG C 62 14.78 -22.37 -10.34
N ASP C 63 14.21 -23.49 -10.73
CA ASP C 63 14.41 -24.05 -12.06
C ASP C 63 13.18 -23.70 -12.90
N PRO C 64 13.32 -22.76 -13.86
CA PRO C 64 12.12 -22.32 -14.58
C PRO C 64 11.47 -23.42 -15.42
N THR C 65 12.25 -24.39 -15.88
CA THR C 65 11.67 -25.51 -16.59
C THR C 65 10.82 -26.37 -15.66
N PHE C 66 11.30 -26.58 -14.45
CA PHE C 66 10.51 -27.36 -13.49
C PHE C 66 9.20 -26.64 -13.16
N MET C 67 9.30 -25.34 -12.92
CA MET C 67 8.14 -24.55 -12.53
C MET C 67 7.11 -24.37 -13.64
N SER C 68 7.55 -24.46 -14.90
CA SER C 68 6.66 -24.31 -16.05
CA SER C 68 6.63 -24.30 -16.03
C SER C 68 6.06 -25.61 -16.56
N THR C 69 6.87 -26.66 -16.58
CA THR C 69 6.44 -27.97 -17.15
C THR C 69 6.87 -29.21 -16.37
N GLY C 70 8.04 -29.17 -15.74
CA GLY C 70 8.59 -30.37 -15.09
C GLY C 70 7.75 -30.95 -13.99
N TYR C 71 7.05 -30.09 -13.25
CA TYR C 71 6.25 -30.56 -12.14
C TYR C 71 5.15 -31.52 -12.56
N LEU C 72 4.71 -31.42 -13.83
CA LEU C 72 3.60 -32.21 -14.33
C LEU C 72 3.89 -33.69 -14.34
N GLY C 73 5.17 -34.06 -14.26
CA GLY C 73 5.58 -35.47 -14.19
C GLY C 73 5.52 -36.12 -12.81
N ARG C 74 5.24 -35.33 -11.77
CA ARG C 74 5.29 -35.84 -10.39
CA ARG C 74 5.30 -35.82 -10.39
C ARG C 74 3.99 -36.53 -10.01
N ASN C 75 4.03 -37.34 -8.95
CA ASN C 75 2.86 -38.05 -8.47
C ASN C 75 1.80 -37.06 -8.00
N VAL C 76 0.56 -37.27 -8.37
CA VAL C 76 -0.55 -36.47 -7.88
C VAL C 76 -0.99 -36.92 -6.49
N LEU C 77 -1.05 -35.96 -5.57
CA LEU C 77 -1.52 -36.21 -4.21
C LEU C 77 -2.98 -35.85 -3.98
N ASN C 78 -3.48 -34.79 -4.64
CA ASN C 78 -4.84 -34.33 -4.46
C ASN C 78 -5.33 -33.65 -5.71
N LYS C 79 -6.63 -33.80 -5.97
CA LYS C 79 -7.36 -32.99 -6.92
C LYS C 79 -8.54 -32.36 -6.20
N ILE C 80 -8.64 -31.04 -6.29
CA ILE C 80 -9.65 -30.25 -5.58
C ILE C 80 -10.24 -29.25 -6.58
N SER C 81 -11.56 -29.28 -6.75
CA SER C 81 -12.23 -28.31 -7.63
C SER C 81 -13.02 -27.31 -6.80
N GLY C 82 -13.46 -26.24 -7.46
CA GLY C 82 -14.33 -25.27 -6.84
C GLY C 82 -13.60 -24.36 -5.88
N VAL C 83 -12.32 -24.14 -6.12
CA VAL C 83 -11.51 -23.33 -5.22
C VAL C 83 -11.76 -21.87 -5.52
N THR C 84 -12.28 -21.23 -4.49
CA THR C 84 -12.74 -19.87 -4.63
C THR C 84 -11.78 -18.86 -3.99
N VAL C 85 -11.16 -19.24 -2.88
CA VAL C 85 -10.20 -18.39 -2.19
C VAL C 85 -8.84 -19.08 -2.28
N PRO C 86 -8.00 -18.65 -3.22
CA PRO C 86 -6.81 -19.49 -3.47
C PRO C 86 -5.63 -19.26 -2.51
N GLY C 87 -5.58 -18.11 -1.88
CA GLY C 87 -4.48 -17.78 -1.00
C GLY C 87 -4.54 -18.50 0.34
N PHE C 88 -3.36 -18.78 0.90
CA PHE C 88 -3.22 -19.38 2.22
C PHE C 88 -1.83 -19.06 2.77
N ASN C 89 -1.66 -19.24 4.07
CA ASN C 89 -0.36 -19.02 4.70
C ASN C 89 -0.32 -19.97 5.87
N ILE C 90 0.37 -21.10 5.67
CA ILE C 90 0.32 -22.23 6.60
C ILE C 90 1.71 -22.60 7.14
N TRP C 91 1.80 -22.72 8.46
CA TRP C 91 3.00 -23.27 9.08
C TRP C 91 2.60 -23.88 10.42
N ASN C 92 2.73 -25.20 10.52
CA ASN C 92 2.54 -25.90 11.79
C ASN C 92 3.87 -26.53 12.19
N PRO C 93 4.55 -25.96 13.21
CA PRO C 93 5.83 -26.51 13.65
C PRO C 93 5.78 -27.93 14.14
N SER C 94 4.59 -28.47 14.37
CA SER C 94 4.42 -29.84 14.86
C SER C 94 3.83 -30.82 13.86
N SER C 95 3.53 -30.38 12.64
CA SER C 95 2.91 -31.27 11.65
C SER C 95 3.27 -30.87 10.24
N ARG C 96 3.52 -31.87 9.40
CA ARG C 96 3.76 -31.62 7.97
C ARG C 96 2.49 -31.62 7.13
N THR C 97 1.33 -31.78 7.75
CA THR C 97 0.05 -31.73 7.05
C THR C 97 -0.85 -30.67 7.68
N ALA C 98 -1.86 -30.28 6.91
CA ALA C 98 -2.82 -29.27 7.31
C ALA C 98 -4.02 -29.30 6.39
N THR C 99 -5.07 -28.59 6.82
CA THR C 99 -6.24 -28.44 6.00
C THR C 99 -5.98 -27.37 4.96
N VAL C 100 -6.17 -27.73 3.69
CA VAL C 100 -5.99 -26.82 2.57
C VAL C 100 -7.23 -26.91 1.69
N TYR C 101 -7.84 -25.77 1.40
CA TYR C 101 -9.04 -25.71 0.54
C TYR C 101 -10.12 -26.65 1.00
N GLY C 102 -10.26 -26.75 2.32
CA GLY C 102 -11.27 -27.59 2.94
C GLY C 102 -10.92 -29.06 3.06
N VAL C 103 -9.74 -29.45 2.59
CA VAL C 103 -9.36 -30.84 2.56
C VAL C 103 -8.39 -31.09 3.69
N LYS C 104 -8.71 -32.06 4.55
CA LYS C 104 -7.85 -32.39 5.66
C LYS C 104 -6.57 -33.11 5.21
N ASN C 105 -5.52 -32.97 6.04
CA ASN C 105 -4.30 -33.75 5.90
C ASN C 105 -3.55 -33.60 4.59
N VAL C 106 -3.59 -32.40 4.03
CA VAL C 106 -2.83 -32.11 2.81
C VAL C 106 -1.38 -31.88 3.23
N ASN C 107 -0.44 -32.43 2.46
CA ASN C 107 0.98 -32.37 2.77
C ASN C 107 1.57 -31.00 2.36
N TYR C 108 1.14 -29.95 3.07
CA TYR C 108 1.54 -28.57 2.75
C TYR C 108 3.05 -28.34 2.85
N TYR C 109 3.72 -29.10 3.73
CA TYR C 109 5.12 -28.88 4.06
C TYR C 109 6.04 -28.99 2.86
N ASN C 110 5.68 -29.87 1.95
CA ASN C 110 6.47 -30.13 0.73
C ASN C 110 5.54 -30.60 -0.36
N MET C 111 5.33 -29.73 -1.35
CA MET C 111 4.31 -29.98 -2.37
C MET C 111 4.46 -28.98 -3.50
N VAL C 112 3.93 -29.37 -4.66
CA VAL C 112 3.63 -28.44 -5.75
C VAL C 112 2.11 -28.30 -5.85
N LEU C 113 1.65 -27.06 -5.95
CA LEU C 113 0.24 -26.77 -6.19
C LEU C 113 0.11 -26.11 -7.57
N GLU C 114 -0.81 -26.62 -8.37
CA GLU C 114 -1.18 -25.98 -9.64
C GLU C 114 -2.63 -25.55 -9.56
N LEU C 115 -2.87 -24.26 -9.81
CA LEU C 115 -4.21 -23.74 -9.95
C LEU C 115 -4.43 -23.36 -11.41
N LYS C 116 -5.56 -23.79 -11.98
CA LYS C 116 -5.89 -23.47 -13.37
C LYS C 116 -7.36 -23.09 -13.50
N GLY C 117 -7.63 -22.23 -14.45
CA GLY C 117 -8.97 -21.88 -14.81
C GLY C 117 -8.99 -20.86 -15.93
N TYR C 118 -10.18 -20.34 -16.21
CA TYR C 118 -10.35 -19.27 -17.18
C TYR C 118 -10.89 -18.05 -16.46
N PHE C 119 -10.17 -16.94 -16.55
CA PHE C 119 -10.60 -15.69 -15.94
C PHE C 119 -11.61 -15.00 -16.84
N LYS C 120 -12.73 -14.56 -16.26
CA LYS C 120 -13.70 -13.76 -16.99
C LYS C 120 -14.36 -12.77 -16.06
N ALA C 121 -14.49 -11.54 -16.52
CA ALA C 121 -15.39 -10.59 -15.92
C ALA C 121 -16.43 -10.07 -16.90
N ASP C 122 -17.53 -9.61 -16.34
CA ASP C 122 -18.56 -8.98 -17.15
C ASP C 122 -18.42 -7.48 -17.21
N VAL C 123 -17.47 -6.89 -16.48
CA VAL C 123 -17.17 -5.47 -16.57
C VAL C 123 -15.76 -5.29 -17.19
N SER C 124 -15.69 -4.68 -18.37
CA SER C 124 -14.41 -4.39 -19.02
C SER C 124 -13.64 -3.44 -18.15
N GLY C 125 -12.31 -3.60 -18.15
CA GLY C 125 -11.47 -2.67 -17.42
C GLY C 125 -10.17 -3.30 -16.97
N ASP C 126 -9.39 -2.54 -16.21
CA ASP C 126 -8.08 -3.00 -15.73
C ASP C 126 -8.22 -3.89 -14.53
N TYR C 127 -7.65 -5.09 -14.64
CA TYR C 127 -7.61 -6.07 -13.53
C TYR C 127 -6.15 -6.35 -13.18
N LYS C 128 -5.85 -6.42 -11.88
CA LYS C 128 -4.49 -6.69 -11.40
C LYS C 128 -4.46 -7.98 -10.60
N LEU C 129 -3.48 -8.83 -10.92
CA LEU C 129 -3.20 -10.03 -10.13
C LEU C 129 -1.90 -9.78 -9.39
N THR C 130 -1.88 -10.05 -8.08
CA THR C 130 -0.69 -9.82 -7.27
C THR C 130 -0.30 -11.04 -6.44
N LEU C 131 0.99 -11.40 -6.52
CA LEU C 131 1.60 -12.40 -5.65
C LEU C 131 2.51 -11.70 -4.65
N SER C 132 2.36 -12.02 -3.36
CA SER C 132 3.12 -11.34 -2.30
C SER C 132 3.82 -12.29 -1.33
N HIS C 133 5.10 -12.02 -1.07
CA HIS C 133 5.86 -12.69 -0.02
C HIS C 133 5.83 -14.21 -0.13
N ILE C 134 5.95 -14.70 -1.36
CA ILE C 134 5.75 -16.10 -1.63
C ILE C 134 6.86 -16.97 -1.00
N ASP C 135 6.44 -18.03 -0.30
CA ASP C 135 7.37 -18.99 0.33
C ASP C 135 6.88 -20.38 -0.08
N ASP C 136 7.55 -21.09 -1.00
CA ASP C 136 8.90 -20.82 -1.52
C ASP C 136 9.01 -20.19 -2.91
N SER C 137 8.15 -20.58 -3.84
N SER C 137 8.15 -20.59 -3.84
CA SER C 137 8.22 -19.99 -5.18
CA SER C 137 8.26 -20.17 -5.24
C SER C 137 6.91 -20.14 -5.92
C SER C 137 6.92 -20.18 -5.94
N SER C 138 6.70 -19.24 -6.87
CA SER C 138 5.51 -19.29 -7.69
C SER C 138 5.77 -18.73 -9.06
N MET C 139 5.13 -19.33 -10.06
CA MET C 139 5.17 -18.85 -11.44
C MET C 139 3.72 -18.72 -11.91
N LEU C 140 3.40 -17.58 -12.52
CA LEU C 140 2.05 -17.29 -12.98
C LEU C 140 2.07 -17.06 -14.50
N PHE C 141 1.09 -17.65 -15.17
CA PHE C 141 0.90 -17.50 -16.61
C PHE C 141 -0.50 -16.98 -16.88
N PHE C 142 -0.60 -15.99 -17.79
CA PHE C 142 -1.87 -15.44 -18.17
C PHE C 142 -1.92 -15.37 -19.68
N GLY C 143 -2.94 -15.97 -20.26
CA GLY C 143 -3.09 -16.07 -21.72
C GLY C 143 -4.05 -15.08 -22.32
N LYS C 144 -3.95 -14.92 -23.63
CA LYS C 144 -4.88 -14.07 -24.34
C LYS C 144 -6.22 -14.79 -24.36
N GLU C 145 -7.24 -14.08 -24.80
CA GLU C 145 -8.58 -14.66 -24.83
C GLU C 145 -8.58 -15.99 -25.59
N THR C 146 -9.29 -16.98 -25.04
CA THR C 146 -9.43 -18.27 -25.71
C THR C 146 -10.53 -18.20 -26.75
N ALA C 147 -10.29 -18.88 -27.86
CA ALA C 147 -11.34 -19.16 -28.85
C ALA C 147 -12.16 -20.36 -28.38
N PHE C 148 -13.33 -20.51 -28.98
CA PHE C 148 -14.25 -21.58 -28.61
C PHE C 148 -14.79 -22.30 -29.84
N LYS C 149 -15.14 -23.57 -29.61
CA LYS C 149 -16.06 -24.31 -30.46
C LYS C 149 -17.40 -24.31 -29.73
N CYS C 150 -18.43 -23.81 -30.40
CA CYS C 150 -19.75 -23.69 -29.81
C CYS C 150 -20.60 -24.88 -30.19
N CYS C 151 -21.08 -25.61 -29.18
CA CYS C 151 -21.92 -26.81 -29.38
C CYS C 151 -23.30 -26.61 -28.74
N ASP C 152 -24.23 -27.51 -29.05
CA ASP C 152 -25.59 -27.43 -28.51
C ASP C 152 -25.64 -27.53 -26.99
N ALA C 153 -24.78 -28.35 -26.41
CA ALA C 153 -24.79 -28.60 -24.97
C ALA C 153 -23.82 -27.71 -24.19
N GLY C 154 -23.06 -26.86 -24.89
CA GLY C 154 -22.09 -25.99 -24.25
C GLY C 154 -20.94 -25.57 -25.14
N SER C 155 -19.98 -24.88 -24.54
CA SER C 155 -18.83 -24.33 -25.25
C SER C 155 -17.56 -25.12 -24.92
N ILE C 156 -16.69 -25.26 -25.91
CA ILE C 156 -15.42 -25.96 -25.73
C ILE C 156 -14.27 -25.00 -25.98
N PRO C 157 -13.49 -24.67 -24.92
CA PRO C 157 -12.38 -23.76 -25.13
C PRO C 157 -11.31 -24.47 -25.92
N LEU C 158 -10.78 -23.85 -26.96
CA LEU C 158 -9.70 -24.42 -27.79
C LEU C 158 -8.32 -24.34 -27.16
N ASN C 159 -8.21 -23.46 -26.17
CA ASN C 159 -7.12 -23.41 -25.21
C ASN C 159 -5.74 -23.70 -25.76
N GLU C 160 -5.42 -23.06 -26.85
CA GLU C 160 -4.06 -22.94 -27.32
C GLU C 160 -3.68 -21.44 -27.32
N ALA C 161 -4.08 -20.72 -26.31
CA ALA C 161 -3.97 -19.27 -26.36
C ALA C 161 -2.53 -18.88 -26.13
N PRO C 162 -1.98 -17.99 -26.95
CA PRO C 162 -0.61 -17.54 -26.65
C PRO C 162 -0.54 -16.78 -25.33
N THR C 163 0.58 -16.92 -24.63
CA THR C 163 0.77 -16.24 -23.35
C THR C 163 0.82 -14.71 -23.52
N ASP C 164 0.10 -13.99 -22.67
CA ASP C 164 0.19 -12.54 -22.58
C ASP C 164 1.38 -12.13 -21.71
N TYR C 165 1.52 -12.77 -20.57
CA TYR C 165 2.61 -12.43 -19.65
C TYR C 165 2.85 -13.55 -18.65
N SER C 166 4.01 -13.49 -17.99
CA SER C 166 4.26 -14.42 -16.88
CA SER C 166 4.30 -14.41 -16.89
C SER C 166 5.10 -13.73 -15.81
N LEU C 167 4.92 -14.21 -14.58
CA LEU C 167 5.56 -13.70 -13.39
C LEU C 167 6.28 -14.86 -12.66
N PHE C 168 7.43 -14.61 -12.05
CA PHE C 168 8.18 -15.65 -11.30
C PHE C 168 8.79 -15.00 -10.08
N THR C 169 8.50 -15.56 -8.90
CA THR C 169 9.00 -15.06 -7.62
C THR C 169 9.51 -16.20 -6.75
N ILE C 170 10.69 -16.00 -6.16
CA ILE C 170 11.36 -17.06 -5.36
C ILE C 170 11.85 -16.47 -4.04
N LYS C 171 11.54 -17.14 -2.93
CA LYS C 171 12.02 -16.74 -1.62
C LYS C 171 13.51 -17.05 -1.45
N PRO C 172 14.30 -16.05 -1.03
CA PRO C 172 15.71 -16.37 -0.73
C PRO C 172 15.81 -17.19 0.55
N SER C 173 16.81 -18.06 0.64
CA SER C 173 16.96 -18.92 1.80
C SER C 173 17.02 -18.18 3.14
N ASN C 174 17.71 -17.05 3.20
CA ASN C 174 17.98 -16.48 4.55
C ASN C 174 17.02 -15.39 5.05
N GLN C 175 15.89 -15.21 4.39
CA GLN C 175 15.01 -14.12 4.79
C GLN C 175 13.61 -14.29 4.22
N VAL C 176 12.66 -13.57 4.80
CA VAL C 176 11.30 -13.52 4.27
CA VAL C 176 11.31 -13.50 4.28
C VAL C 176 11.38 -12.95 2.86
N ASN C 177 10.56 -13.47 1.98
CA ASN C 177 10.52 -12.95 0.62
C ASN C 177 9.85 -11.59 0.68
N SER C 178 10.56 -10.52 0.33
CA SER C 178 9.98 -9.17 0.36
C SER C 178 9.25 -8.81 -0.91
N GLU C 179 9.32 -9.70 -1.90
CA GLU C 179 8.81 -9.38 -3.23
C GLU C 179 7.29 -9.34 -3.31
N VAL C 180 6.79 -8.31 -3.96
CA VAL C 180 5.39 -8.21 -4.33
C VAL C 180 5.44 -8.02 -5.84
N ILE C 181 4.83 -8.93 -6.58
CA ILE C 181 4.91 -8.93 -8.02
C ILE C 181 3.49 -8.89 -8.57
N SER C 182 3.24 -8.03 -9.55
CA SER C 182 1.86 -7.86 -10.05
CA SER C 182 1.88 -7.90 -10.06
C SER C 182 1.83 -7.66 -11.56
N ALA C 183 0.66 -7.96 -12.12
CA ALA C 183 0.38 -7.72 -13.53
C ALA C 183 -1.01 -7.13 -13.64
N THR C 184 -1.11 -5.98 -14.31
CA THR C 184 -2.36 -5.32 -14.63
C THR C 184 -2.57 -5.42 -16.15
N GLN C 185 -3.79 -5.72 -16.56
CA GLN C 185 -4.13 -5.72 -17.96
C GLN C 185 -5.58 -5.32 -18.14
N TYR C 186 -5.90 -4.71 -19.28
CA TYR C 186 -7.28 -4.40 -19.62
C TYR C 186 -7.93 -5.64 -20.16
N LEU C 187 -8.99 -6.08 -19.50
CA LEU C 187 -9.72 -7.25 -19.95
C LEU C 187 -11.09 -6.85 -20.47
N GLU C 188 -11.55 -7.60 -21.47
CA GLU C 188 -12.83 -7.33 -22.12
CA GLU C 188 -12.81 -7.34 -22.13
C GLU C 188 -13.94 -8.16 -21.52
N ALA C 189 -15.05 -7.49 -21.22
CA ALA C 189 -16.24 -8.14 -20.71
C ALA C 189 -16.60 -9.38 -21.51
N GLY C 190 -16.82 -10.47 -20.78
CA GLY C 190 -17.32 -11.70 -21.37
C GLY C 190 -16.30 -12.60 -22.05
N LYS C 191 -15.04 -12.18 -22.09
CA LYS C 191 -13.98 -12.98 -22.68
CA LYS C 191 -13.99 -12.98 -22.69
C LYS C 191 -13.32 -13.84 -21.60
N TYR C 192 -12.85 -15.01 -22.01
CA TYR C 192 -12.26 -15.99 -21.11
C TYR C 192 -10.74 -16.08 -21.38
N TYR C 193 -9.96 -15.85 -20.33
CA TYR C 193 -8.50 -15.81 -20.43
C TYR C 193 -7.91 -16.92 -19.58
N PRO C 194 -7.19 -17.86 -20.21
CA PRO C 194 -6.64 -18.94 -19.38
C PRO C 194 -5.58 -18.43 -18.43
N VAL C 195 -5.62 -18.95 -17.20
CA VAL C 195 -4.67 -18.56 -16.18
C VAL C 195 -4.20 -19.83 -15.46
N ARG C 196 -2.92 -19.85 -15.17
CA ARG C 196 -2.30 -20.97 -14.47
C ARG C 196 -1.30 -20.43 -13.48
N ILE C 197 -1.40 -20.89 -12.23
CA ILE C 197 -0.47 -20.50 -11.21
C ILE C 197 0.15 -21.75 -10.62
N VAL C 198 1.48 -21.78 -10.55
CA VAL C 198 2.24 -22.89 -9.96
C VAL C 198 2.88 -22.37 -8.69
N PHE C 199 2.69 -23.11 -7.59
CA PHE C 199 3.30 -22.75 -6.30
C PHE C 199 4.01 -23.96 -5.71
N VAL C 200 5.19 -23.73 -5.15
CA VAL C 200 5.96 -24.79 -4.50
C VAL C 200 6.32 -24.38 -3.08
N ASN C 201 6.07 -25.30 -2.15
CA ASN C 201 6.67 -25.27 -0.84
C ASN C 201 7.72 -26.41 -0.75
N ALA C 202 8.96 -26.05 -0.43
CA ALA C 202 10.04 -27.00 -0.26
C ALA C 202 10.13 -27.54 1.17
N LEU C 203 9.78 -26.70 2.15
CA LEU C 203 9.80 -27.08 3.56
C LEU C 203 9.14 -26.00 4.39
N GLU C 204 8.66 -26.41 5.55
CA GLU C 204 8.15 -25.50 6.55
C GLU C 204 7.00 -24.64 6.02
N ARG C 205 7.10 -23.31 6.16
CA ARG C 205 5.96 -22.44 5.86
C ARG C 205 5.63 -22.45 4.36
N ALA C 206 4.32 -22.52 4.07
CA ALA C 206 3.79 -22.39 2.71
C ALA C 206 3.02 -21.09 2.70
N ARG C 207 3.60 -20.04 2.09
CA ARG C 207 2.95 -18.73 2.04
C ARG C 207 2.62 -18.43 0.58
N PHE C 208 1.32 -18.43 0.29
CA PHE C 208 0.80 -18.21 -1.06
C PHE C 208 -0.23 -17.10 -0.97
N ASP C 209 0.22 -15.86 -1.12
CA ASP C 209 -0.65 -14.69 -0.96
C ASP C 209 -0.96 -14.18 -2.36
N PHE C 210 -2.21 -14.34 -2.78
CA PHE C 210 -2.62 -14.13 -4.17
C PHE C 210 -3.95 -13.35 -4.14
N LYS C 211 -3.96 -12.15 -4.70
CA LYS C 211 -5.09 -11.22 -4.62
CA LYS C 211 -5.10 -11.24 -4.62
C LYS C 211 -5.44 -10.62 -5.98
N LEU C 212 -6.71 -10.24 -6.10
CA LEU C 212 -7.25 -9.63 -7.32
C LEU C 212 -7.70 -8.20 -7.05
N THR C 213 -7.26 -7.26 -7.86
CA THR C 213 -7.75 -5.88 -7.77
C THR C 213 -8.58 -5.65 -9.02
N ILE C 214 -9.83 -5.23 -8.80
CA ILE C 214 -10.77 -5.02 -9.88
C ILE C 214 -10.81 -3.53 -10.27
N PRO C 215 -11.45 -3.20 -11.40
CA PRO C 215 -11.43 -1.80 -11.85
C PRO C 215 -11.90 -0.73 -10.87
N SER C 216 -12.79 -1.06 -9.96
CA SER C 216 -13.24 -0.13 -8.94
C SER C 216 -12.17 0.23 -7.91
N GLY C 217 -11.12 -0.60 -7.87
CA GLY C 217 -10.05 -0.44 -6.90
C GLY C 217 -10.16 -1.39 -5.72
N ALA C 218 -11.28 -2.11 -5.61
CA ALA C 218 -11.43 -3.09 -4.54
C ALA C 218 -10.39 -4.19 -4.72
N VAL C 219 -9.89 -4.68 -3.58
CA VAL C 219 -8.91 -5.74 -3.53
C VAL C 219 -9.54 -6.95 -2.88
N LEU C 220 -9.63 -8.05 -3.63
CA LEU C 220 -10.39 -9.21 -3.25
C LEU C 220 -9.50 -10.43 -3.04
N ASP C 221 -9.89 -11.24 -2.04
CA ASP C 221 -9.28 -12.55 -1.84
C ASP C 221 -10.11 -13.67 -2.50
N ASP C 222 -11.38 -13.42 -2.76
CA ASP C 222 -12.32 -14.39 -3.32
C ASP C 222 -12.40 -14.20 -4.84
N PHE C 223 -12.10 -15.27 -5.59
CA PHE C 223 -12.12 -15.25 -7.05
C PHE C 223 -13.32 -15.95 -7.68
N GLN C 224 -14.25 -16.40 -6.85
CA GLN C 224 -15.31 -17.27 -7.31
C GLN C 224 -15.92 -16.97 -8.67
N ASN C 225 -16.49 -15.78 -8.83
CA ASN C 225 -17.20 -15.43 -10.08
C ASN C 225 -16.33 -14.77 -11.13
N TYR C 226 -15.02 -14.85 -10.93
CA TYR C 226 -14.05 -14.41 -11.89
C TYR C 226 -13.29 -15.57 -12.54
N ILE C 227 -13.39 -16.76 -11.95
CA ILE C 227 -12.71 -17.92 -12.49
C ILE C 227 -13.69 -19.05 -12.85
N TYR C 228 -13.55 -19.57 -14.06
CA TYR C 228 -14.46 -20.57 -14.63
C TYR C 228 -13.72 -21.78 -15.17
N GLN C 229 -14.44 -22.90 -15.22
CA GLN C 229 -14.05 -24.10 -15.95
C GLN C 229 -15.14 -24.45 -16.94
N PHE C 230 -14.79 -25.24 -17.93
CA PHE C 230 -15.77 -25.74 -18.89
C PHE C 230 -15.86 -27.25 -18.78
N GLY C 231 -17.05 -27.74 -18.42
CA GLY C 231 -17.29 -29.17 -18.29
C GLY C 231 -17.16 -29.91 -19.61
N ASP C 232 -16.74 -31.16 -19.53
CA ASP C 232 -16.80 -32.06 -20.68
C ASP C 232 -18.28 -32.32 -20.98
N LEU C 233 -18.63 -32.55 -22.24
CA LEU C 233 -20.04 -32.69 -22.63
C LEU C 233 -20.39 -34.14 -22.97
N THR D 32 -29.20 -3.08 30.27
CA THR D 32 -28.98 -2.59 28.87
C THR D 32 -28.85 -3.74 27.84
N ALA D 33 -29.74 -3.71 26.86
CA ALA D 33 -29.71 -4.68 25.75
C ALA D 33 -28.91 -4.10 24.59
N TYR D 34 -27.94 -4.87 24.08
CA TYR D 34 -27.13 -4.46 22.92
C TYR D 34 -27.54 -5.23 21.68
N GLY D 35 -28.68 -5.91 21.76
CA GLY D 35 -29.27 -6.59 20.63
C GLY D 35 -30.68 -7.02 20.96
N CYS D 36 -31.42 -7.42 19.92
CA CYS D 36 -32.80 -7.87 20.06
C CYS D 36 -33.05 -9.11 19.21
N ASP D 37 -34.00 -9.93 19.65
CA ASP D 37 -34.44 -11.07 18.84
C ASP D 37 -35.07 -10.64 17.52
N ILE D 38 -35.88 -9.57 17.54
CA ILE D 38 -36.59 -9.12 16.34
C ILE D 38 -35.96 -7.83 15.82
N THR D 39 -35.35 -7.94 14.64
CA THR D 39 -34.69 -6.80 13.99
C THR D 39 -35.20 -6.66 12.56
N THR D 40 -36.47 -6.99 12.36
CA THR D 40 -37.13 -7.00 11.05
C THR D 40 -37.19 -5.63 10.37
N ASN D 41 -37.03 -4.58 11.18
CA ASN D 41 -37.04 -3.19 10.68
C ASN D 41 -35.67 -2.69 10.18
N ALA D 42 -34.63 -3.51 10.32
CA ALA D 42 -33.30 -3.12 9.83
C ALA D 42 -33.27 -3.21 8.31
N VAL D 43 -32.77 -2.14 7.69
CA VAL D 43 -32.57 -2.12 6.25
C VAL D 43 -31.12 -1.67 5.97
N ASP D 44 -30.66 -1.88 4.74
CA ASP D 44 -29.26 -1.66 4.34
C ASP D 44 -28.94 -0.25 3.81
N GLY D 45 -27.68 0.18 4.02
CA GLY D 45 -27.14 1.37 3.41
C GLY D 45 -27.07 2.58 4.32
N PHE D 46 -26.16 3.49 3.99
CA PHE D 46 -26.09 4.79 4.67
C PHE D 46 -27.30 5.62 4.29
N ASP D 47 -27.68 6.51 5.19
CA ASP D 47 -28.56 7.63 4.85
C ASP D 47 -27.69 8.85 4.61
N ALA D 48 -27.88 9.46 3.44
CA ALA D 48 -27.14 10.65 3.06
C ALA D 48 -28.02 11.87 3.18
N THR D 49 -27.45 12.95 3.71
CA THR D 49 -28.10 14.26 3.67
C THR D 49 -27.10 15.22 3.04
N ILE D 50 -27.55 15.96 2.04
CA ILE D 50 -26.70 16.91 1.35
C ILE D 50 -27.22 18.29 1.71
N TYR D 51 -26.31 19.14 2.15
CA TYR D 51 -26.60 20.50 2.56
C TYR D 51 -25.91 21.54 1.69
N GLN D 52 -26.51 22.74 1.66
CA GLN D 52 -25.93 23.88 1.01
C GLN D 52 -24.58 24.27 1.64
N TYR D 53 -23.64 24.66 0.79
CA TYR D 53 -22.34 25.15 1.23
C TYR D 53 -21.91 26.23 0.25
N ASN D 54 -21.40 27.36 0.75
CA ASN D 54 -21.00 28.45 -0.15
C ASN D 54 -19.79 28.13 -1.01
N ALA D 55 -19.92 28.27 -2.32
CA ALA D 55 -18.81 28.02 -3.22
C ALA D 55 -17.61 28.88 -2.82
N ASN D 56 -16.43 28.27 -2.86
CA ASN D 56 -15.15 28.94 -2.59
C ASN D 56 -14.88 29.27 -1.13
N ASP D 57 -15.69 28.78 -0.22
CA ASP D 57 -15.48 29.02 1.21
C ASP D 57 -14.43 28.01 1.69
N LEU D 58 -13.19 28.47 1.81
CA LEU D 58 -12.08 27.65 2.28
C LEU D 58 -11.80 27.87 3.76
N ARG D 59 -12.71 28.53 4.46
CA ARG D 59 -12.57 28.76 5.89
C ARG D 59 -13.31 27.69 6.68
N LEU D 60 -14.57 27.43 6.36
CA LEU D 60 -15.37 26.55 7.19
C LEU D 60 -14.93 25.07 7.08
N ILE D 61 -14.29 24.71 5.98
CA ILE D 61 -13.76 23.35 5.82
C ILE D 61 -12.72 22.98 6.89
N ARG D 62 -12.09 24.00 7.47
CA ARG D 62 -11.08 23.80 8.52
C ARG D 62 -11.58 24.20 9.92
N ASP D 63 -12.88 24.41 10.05
CA ASP D 63 -13.48 24.80 11.32
C ASP D 63 -14.09 23.54 11.95
N PRO D 64 -13.49 23.04 13.06
CA PRO D 64 -13.99 21.78 13.60
C PRO D 64 -15.41 21.84 14.16
N THR D 65 -15.83 23.01 14.63
CA THR D 65 -17.20 23.17 15.06
C THR D 65 -18.15 23.07 13.89
N PHE D 66 -17.79 23.69 12.75
CA PHE D 66 -18.65 23.61 11.58
C PHE D 66 -18.76 22.14 11.11
N MET D 67 -17.63 21.47 11.07
CA MET D 67 -17.59 20.09 10.57
C MET D 67 -18.27 19.07 11.47
N SER D 68 -18.34 19.38 12.77
CA SER D 68 -18.97 18.49 13.74
CA SER D 68 -18.96 18.48 13.74
CA SER D 68 -18.94 18.50 13.76
C SER D 68 -20.44 18.76 13.96
N THR D 69 -20.83 20.05 13.98
CA THR D 69 -22.23 20.44 14.29
C THR D 69 -22.81 21.58 13.47
N GLY D 70 -21.98 22.54 13.08
CA GLY D 70 -22.46 23.74 12.40
C GLY D 70 -23.19 23.51 11.09
N TYR D 71 -22.75 22.49 10.35
CA TYR D 71 -23.32 22.22 9.04
C TYR D 71 -24.81 21.88 9.13
N LEU D 72 -25.26 21.40 10.31
CA LEU D 72 -26.63 20.95 10.52
C LEU D 72 -27.63 22.09 10.40
N GLY D 73 -27.15 23.32 10.53
CA GLY D 73 -27.99 24.52 10.34
C GLY D 73 -28.24 24.97 8.91
N ARG D 74 -27.58 24.36 7.94
N ARG D 74 -27.53 24.40 7.94
CA ARG D 74 -27.67 24.79 6.55
CA ARG D 74 -27.67 24.83 6.55
C ARG D 74 -28.89 24.20 5.87
C ARG D 74 -28.90 24.23 5.90
N ASN D 75 -29.30 24.79 4.75
CA ASN D 75 -30.43 24.30 3.99
C ASN D 75 -30.16 22.89 3.48
N VAL D 76 -31.15 22.01 3.58
CA VAL D 76 -31.04 20.68 3.00
C VAL D 76 -31.35 20.71 1.50
N LEU D 77 -30.44 20.14 0.70
CA LEU D 77 -30.63 20.01 -0.74
C LEU D 77 -31.14 18.65 -1.17
N ASN D 78 -30.74 17.58 -0.46
CA ASN D 78 -31.15 16.20 -0.82
C ASN D 78 -31.16 15.33 0.40
N LYS D 79 -32.07 14.35 0.41
CA LYS D 79 -32.04 13.21 1.30
C LYS D 79 -32.10 11.95 0.46
N ILE D 80 -31.15 11.04 0.70
CA ILE D 80 -30.97 9.84 -0.09
C ILE D 80 -30.71 8.66 0.84
N SER D 81 -31.52 7.60 0.74
CA SER D 81 -31.30 6.40 1.53
CA SER D 81 -31.36 6.39 1.51
C SER D 81 -30.80 5.26 0.66
N GLY D 82 -30.32 4.20 1.31
CA GLY D 82 -29.89 3.02 0.61
C GLY D 82 -28.53 3.17 -0.06
N VAL D 83 -27.68 4.03 0.48
CA VAL D 83 -26.38 4.26 -0.13
C VAL D 83 -25.38 3.18 0.29
N THR D 84 -24.95 2.45 -0.74
CA THR D 84 -24.16 1.27 -0.52
C THR D 84 -22.69 1.51 -0.84
N VAL D 85 -22.40 2.33 -1.83
CA VAL D 85 -21.07 2.67 -2.22
C VAL D 85 -20.89 4.17 -1.93
N PRO D 86 -20.33 4.50 -0.76
CA PRO D 86 -20.28 5.91 -0.40
C PRO D 86 -19.19 6.77 -1.05
N GLY D 87 -18.10 6.16 -1.47
CA GLY D 87 -17.00 6.89 -2.05
C GLY D 87 -17.29 7.34 -3.46
N PHE D 88 -16.69 8.47 -3.82
CA PHE D 88 -16.76 9.01 -5.17
C PHE D 88 -15.59 9.96 -5.41
N ASN D 89 -15.33 10.28 -6.67
CA ASN D 89 -14.32 11.24 -7.01
C ASN D 89 -14.84 11.92 -8.28
N ILE D 90 -15.41 13.10 -8.11
CA ILE D 90 -16.16 13.75 -9.18
C ILE D 90 -15.52 15.10 -9.52
N TRP D 91 -15.29 15.33 -10.81
CA TRP D 91 -14.92 16.66 -11.28
C TRP D 91 -15.35 16.76 -12.73
N ASN D 92 -16.32 17.64 -12.96
CA ASN D 92 -16.77 17.92 -14.32
C ASN D 92 -16.51 19.38 -14.62
N PRO D 93 -15.51 19.66 -15.49
CA PRO D 93 -15.19 21.05 -15.79
C PRO D 93 -16.31 21.79 -16.48
N SER D 94 -17.31 21.06 -16.98
CA SER D 94 -18.43 21.67 -17.68
C SER D 94 -19.73 21.73 -16.88
N SER D 95 -19.74 21.23 -15.64
CA SER D 95 -20.95 21.25 -14.85
C SER D 95 -20.69 21.27 -13.35
N ARG D 96 -21.48 22.04 -12.61
CA ARG D 96 -21.41 22.04 -11.15
C ARG D 96 -22.33 21.01 -10.50
N THR D 97 -23.01 20.21 -11.32
CA THR D 97 -23.86 19.13 -10.86
C THR D 97 -23.47 17.81 -11.50
N ALA D 98 -23.89 16.74 -10.87
CA ALA D 98 -23.58 15.38 -11.32
C ALA D 98 -24.56 14.44 -10.68
N THR D 99 -24.62 13.23 -11.21
CA THR D 99 -25.38 12.15 -10.59
C THR D 99 -24.55 11.58 -9.41
N VAL D 100 -25.14 11.59 -8.22
CA VAL D 100 -24.49 11.13 -6.99
C VAL D 100 -25.49 10.18 -6.34
N TYR D 101 -25.04 8.97 -6.05
CA TYR D 101 -25.82 7.97 -5.41
C TYR D 101 -27.14 7.70 -6.13
N GLY D 102 -27.08 7.75 -7.46
CA GLY D 102 -28.24 7.51 -8.30
C GLY D 102 -29.17 8.68 -8.49
N VAL D 103 -28.86 9.81 -7.88
CA VAL D 103 -29.74 10.97 -7.94
C VAL D 103 -29.16 12.02 -8.87
N LYS D 104 -29.97 12.42 -9.85
CA LYS D 104 -29.50 13.39 -10.83
C LYS D 104 -29.35 14.79 -10.26
N ASN D 105 -28.46 15.57 -10.86
CA ASN D 105 -28.32 17.00 -10.61
C ASN D 105 -27.98 17.37 -9.16
N VAL D 106 -27.17 16.53 -8.52
CA VAL D 106 -26.68 16.86 -7.19
C VAL D 106 -25.55 17.88 -7.32
N ASN D 107 -25.59 18.92 -6.48
CA ASN D 107 -24.65 20.03 -6.58
C ASN D 107 -23.29 19.67 -5.94
N TYR D 108 -22.58 18.74 -6.58
CA TYR D 108 -21.34 18.20 -6.02
C TYR D 108 -20.23 19.28 -5.85
N TYR D 109 -20.28 20.34 -6.66
CA TYR D 109 -19.25 21.37 -6.71
C TYR D 109 -19.07 22.12 -5.40
N ASN D 110 -20.16 22.29 -4.66
CA ASN D 110 -20.16 22.98 -3.38
C ASN D 110 -21.30 22.48 -2.54
N MET D 111 -20.96 21.69 -1.51
CA MET D 111 -21.95 21.00 -0.71
C MET D 111 -21.31 20.45 0.55
N VAL D 112 -22.17 20.17 1.52
CA VAL D 112 -21.83 19.30 2.65
C VAL D 112 -22.61 18.00 2.49
N LEU D 113 -21.92 16.89 2.63
CA LEU D 113 -22.52 15.58 2.64
C LEU D 113 -22.37 14.97 4.03
N GLU D 114 -23.48 14.51 4.60
CA GLU D 114 -23.47 13.76 5.84
C GLU D 114 -23.96 12.35 5.56
N LEU D 115 -23.16 11.37 5.93
CA LEU D 115 -23.54 9.97 5.87
C LEU D 115 -23.68 9.44 7.28
N LYS D 116 -24.78 8.75 7.55
CA LYS D 116 -25.01 8.15 8.87
C LYS D 116 -25.54 6.72 8.72
N GLY D 117 -25.21 5.89 9.69
CA GLY D 117 -25.76 4.55 9.76
C GLY D 117 -25.16 3.80 10.91
N TYR D 118 -25.49 2.53 11.00
CA TYR D 118 -24.99 1.66 12.07
C TYR D 118 -24.16 0.56 11.41
N PHE D 119 -22.90 0.47 11.82
CA PHE D 119 -22.01 -0.54 11.29
C PHE D 119 -22.22 -1.83 12.05
N LYS D 120 -22.36 -2.94 11.33
CA LYS D 120 -22.41 -4.24 11.95
C LYS D 120 -21.78 -5.29 11.05
N ALA D 121 -20.99 -6.16 11.64
CA ALA D 121 -20.60 -7.39 10.98
C ALA D 121 -20.96 -8.66 11.73
N ASP D 122 -21.05 -9.73 10.97
CA ASP D 122 -21.33 -11.03 11.57
C ASP D 122 -20.06 -11.73 12.01
N VAL D 123 -18.90 -11.25 11.60
CA VAL D 123 -17.62 -11.83 11.93
C VAL D 123 -16.89 -10.84 12.85
N SER D 124 -16.64 -11.24 14.09
CA SER D 124 -15.84 -10.45 15.04
C SER D 124 -14.44 -10.31 14.47
N GLY D 125 -13.84 -9.16 14.69
CA GLY D 125 -12.47 -8.95 14.22
C GLY D 125 -12.16 -7.49 13.99
N ASP D 126 -10.97 -7.22 13.47
CA ASP D 126 -10.54 -5.86 13.20
C ASP D 126 -11.07 -5.35 11.86
N TYR D 127 -11.79 -4.24 11.91
CA TYR D 127 -12.29 -3.55 10.73
C TYR D 127 -11.65 -2.16 10.64
N LYS D 128 -11.24 -1.76 9.44
CA LYS D 128 -10.57 -0.48 9.21
C LYS D 128 -11.37 0.39 8.26
N LEU D 129 -11.57 1.63 8.66
CA LEU D 129 -12.15 2.64 7.78
C LEU D 129 -11.05 3.62 7.37
N THR D 130 -10.95 3.90 6.06
CA THR D 130 -9.87 4.75 5.53
C THR D 130 -10.41 5.88 4.68
N LEU D 131 -9.97 7.09 4.96
CA LEU D 131 -10.20 8.26 4.13
C LEU D 131 -8.90 8.64 3.46
N SER D 132 -8.93 8.80 2.13
CA SER D 132 -7.73 9.05 1.35
C SER D 132 -7.86 10.29 0.46
N HIS D 133 -6.85 11.16 0.52
CA HIS D 133 -6.68 12.26 -0.42
C HIS D 133 -7.94 13.11 -0.56
N ILE D 134 -8.57 13.36 0.57
CA ILE D 134 -9.87 14.04 0.59
C ILE D 134 -9.78 15.47 0.05
N ASP D 135 -10.71 15.82 -0.83
CA ASP D 135 -10.82 17.16 -1.39
C ASP D 135 -12.31 17.55 -1.24
N ASP D 136 -12.70 18.42 -0.32
CA ASP D 136 -11.83 19.34 0.45
C ASP D 136 -11.59 18.97 1.90
N SER D 137 -12.60 18.44 2.60
CA SER D 137 -12.36 18.03 3.99
C SER D 137 -13.36 17.00 4.45
N SER D 138 -12.98 16.23 5.45
CA SER D 138 -13.89 15.25 6.03
C SER D 138 -13.60 15.02 7.50
N MET D 139 -14.65 14.81 8.26
CA MET D 139 -14.56 14.42 9.66
C MET D 139 -15.38 13.14 9.84
N LEU D 140 -14.81 12.15 10.51
CA LEU D 140 -15.45 10.87 10.72
C LEU D 140 -15.59 10.59 12.21
N PHE D 141 -16.77 10.12 12.61
CA PHE D 141 -17.09 9.77 13.99
C PHE D 141 -17.54 8.34 14.07
N PHE D 142 -17.03 7.59 15.05
CA PHE D 142 -17.43 6.22 15.20
C PHE D 142 -17.73 6.01 16.67
N GLY D 143 -18.91 5.46 16.96
CA GLY D 143 -19.36 5.28 18.33
C GLY D 143 -19.19 3.88 18.87
N LYS D 144 -19.33 3.76 20.19
CA LYS D 144 -19.36 2.45 20.80
C LYS D 144 -20.71 1.77 20.46
N GLU D 145 -20.82 0.49 20.79
CA GLU D 145 -22.03 -0.26 20.47
C GLU D 145 -23.27 0.46 21.00
N THR D 146 -24.33 0.51 20.20
CA THR D 146 -25.60 1.13 20.62
C THR D 146 -26.40 0.13 21.42
N ALA D 147 -27.06 0.64 22.45
CA ALA D 147 -28.08 -0.12 23.14
C ALA D 147 -29.39 -0.04 22.38
N PHE D 148 -30.28 -0.96 22.69
CA PHE D 148 -31.58 -1.04 22.02
C PHE D 148 -32.73 -1.15 23.01
N LYS D 149 -33.88 -0.68 22.56
CA LYS D 149 -35.17 -1.06 23.11
C LYS D 149 -35.76 -2.07 22.14
N CYS D 150 -36.10 -3.25 22.66
CA CYS D 150 -36.60 -4.34 21.83
C CYS D 150 -38.12 -4.35 21.87
N CYS D 151 -38.74 -4.23 20.69
CA CYS D 151 -40.20 -4.22 20.56
C CYS D 151 -40.66 -5.40 19.70
N ASP D 152 -41.96 -5.67 19.71
CA ASP D 152 -42.54 -6.78 18.93
C ASP D 152 -42.30 -6.64 17.43
N ALA D 153 -42.34 -5.41 16.93
CA ALA D 153 -42.25 -5.15 15.49
C ALA D 153 -40.82 -4.81 15.04
N GLY D 154 -39.88 -4.76 15.99
CA GLY D 154 -38.49 -4.43 15.67
C GLY D 154 -37.71 -3.81 16.82
N SER D 155 -36.48 -3.40 16.51
CA SER D 155 -35.56 -2.85 17.50
C SER D 155 -35.40 -1.34 17.32
N ILE D 156 -35.27 -0.64 18.44
CA ILE D 156 -35.08 0.81 18.43
C ILE D 156 -33.73 1.15 19.03
N PRO D 157 -32.81 1.67 18.20
CA PRO D 157 -31.49 2.02 18.75
C PRO D 157 -31.64 3.25 19.63
N LEU D 158 -30.97 3.23 20.77
CA LEU D 158 -31.10 4.29 21.75
C LEU D 158 -30.09 5.40 21.55
N ASN D 159 -29.07 5.12 20.73
CA ASN D 159 -28.40 6.20 20.00
C ASN D 159 -27.63 7.25 20.84
N GLU D 160 -27.52 7.06 22.16
CA GLU D 160 -26.77 7.98 23.00
C GLU D 160 -25.37 7.41 23.24
N ALA D 161 -24.80 6.86 22.16
CA ALA D 161 -23.57 6.07 22.27
C ALA D 161 -22.37 7.00 22.30
N PRO D 162 -21.54 6.92 23.35
CA PRO D 162 -20.38 7.80 23.37
C PRO D 162 -19.44 7.51 22.19
N THR D 163 -18.78 8.55 21.70
CA THR D 163 -17.81 8.40 20.62
C THR D 163 -16.61 7.55 21.03
N ASP D 164 -16.22 6.62 20.16
CA ASP D 164 -14.98 5.87 20.32
C ASP D 164 -13.80 6.66 19.75
N TYR D 165 -13.95 7.23 18.55
CA TYR D 165 -12.85 7.94 17.93
C TYR D 165 -13.36 8.88 16.84
N SER D 166 -12.52 9.83 16.47
CA SER D 166 -12.81 10.68 15.31
C SER D 166 -11.54 11.01 14.55
N LEU D 167 -11.74 11.23 13.26
CA LEU D 167 -10.68 11.55 12.32
C LEU D 167 -11.00 12.86 11.62
N PHE D 168 -10.01 13.70 11.31
CA PHE D 168 -10.25 14.96 10.58
C PHE D 168 -9.14 15.16 9.57
N THR D 169 -9.50 15.31 8.30
CA THR D 169 -8.55 15.53 7.23
C THR D 169 -9.00 16.69 6.34
N ILE D 170 -8.04 17.55 5.97
CA ILE D 170 -8.31 18.76 5.18
C ILE D 170 -7.29 18.92 4.06
N LYS D 171 -7.76 19.20 2.85
CA LYS D 171 -6.86 19.47 1.75
C LYS D 171 -6.23 20.88 1.87
N PRO D 172 -4.89 20.98 1.80
CA PRO D 172 -4.32 22.32 1.65
C PRO D 172 -4.66 22.96 0.30
N SER D 173 -4.80 24.29 0.29
CA SER D 173 -5.15 25.00 -0.94
C SER D 173 -4.27 24.72 -2.14
N ASN D 174 -2.96 24.64 -1.94
CA ASN D 174 -2.09 24.65 -3.14
C ASN D 174 -1.56 23.28 -3.64
N GLN D 175 -2.18 22.19 -3.17
CA GLN D 175 -1.67 20.89 -3.56
C GLN D 175 -2.70 19.80 -3.27
N VAL D 176 -2.49 18.64 -3.89
CA VAL D 176 -3.29 17.47 -3.63
C VAL D 176 -3.10 17.10 -2.16
N ASN D 177 -4.16 16.67 -1.52
CA ASN D 177 -4.08 16.22 -0.13
C ASN D 177 -3.38 14.88 -0.08
N SER D 178 -2.21 14.83 0.56
CA SER D 178 -1.45 13.58 0.63
C SER D 178 -1.87 12.70 1.79
N GLU D 179 -2.79 13.19 2.63
CA GLU D 179 -3.19 12.45 3.81
CA GLU D 179 -3.14 12.42 3.80
C GLU D 179 -3.99 11.18 3.51
N VAL D 180 -3.63 10.10 4.17
CA VAL D 180 -4.43 8.86 4.22
C VAL D 180 -4.59 8.62 5.72
N ILE D 181 -5.84 8.68 6.18
CA ILE D 181 -6.15 8.60 7.60
C ILE D 181 -7.08 7.44 7.85
N SER D 182 -6.81 6.66 8.89
CA SER D 182 -7.59 5.45 9.10
CA SER D 182 -7.53 5.40 9.09
C SER D 182 -7.80 5.13 10.56
N ALA D 183 -8.84 4.33 10.80
CA ALA D 183 -9.11 3.83 12.12
C ALA D 183 -9.47 2.38 12.02
N THR D 184 -8.80 1.58 12.81
CA THR D 184 -9.07 0.18 12.97
C THR D 184 -9.60 -0.06 14.38
N GLN D 185 -10.61 -0.92 14.50
CA GLN D 185 -11.09 -1.34 15.79
C GLN D 185 -11.58 -2.75 15.74
N TYR D 186 -11.48 -3.46 16.86
CA TYR D 186 -12.02 -4.79 16.96
C TYR D 186 -13.53 -4.66 17.23
N LEU D 187 -14.34 -5.16 16.31
CA LEU D 187 -15.77 -5.10 16.47
C LEU D 187 -16.31 -6.48 16.78
N GLU D 188 -17.36 -6.50 17.59
CA GLU D 188 -17.98 -7.75 18.04
C GLU D 188 -19.12 -8.14 17.13
N ALA D 189 -19.12 -9.41 16.71
CA ALA D 189 -20.18 -9.93 15.85
C ALA D 189 -21.57 -9.57 16.37
N GLY D 190 -22.39 -9.03 15.48
CA GLY D 190 -23.80 -8.76 15.76
C GLY D 190 -24.07 -7.46 16.48
N LYS D 191 -23.04 -6.72 16.86
CA LYS D 191 -23.24 -5.43 17.53
C LYS D 191 -23.30 -4.32 16.48
N TYR D 192 -24.04 -3.27 16.82
CA TYR D 192 -24.27 -2.14 15.93
C TYR D 192 -23.58 -0.89 16.47
N TYR D 193 -22.74 -0.28 15.64
CA TYR D 193 -21.91 0.85 16.04
C TYR D 193 -22.28 2.05 15.19
N PRO D 194 -22.72 3.13 15.82
CA PRO D 194 -23.12 4.26 14.96
C PRO D 194 -21.91 4.91 14.33
N VAL D 195 -22.08 5.29 13.08
CA VAL D 195 -21.02 5.96 12.35
C VAL D 195 -21.59 7.16 11.62
N ARG D 196 -20.81 8.24 11.58
CA ARG D 196 -21.20 9.45 10.89
C ARG D 196 -19.98 9.99 10.17
N ILE D 197 -20.14 10.31 8.89
CA ILE D 197 -19.08 10.90 8.12
C ILE D 197 -19.58 12.20 7.52
N VAL D 198 -18.80 13.25 7.68
CA VAL D 198 -19.10 14.56 7.12
C VAL D 198 -18.05 14.88 6.08
N PHE D 199 -18.50 15.27 4.89
CA PHE D 199 -17.60 15.61 3.79
C PHE D 199 -18.03 16.95 3.22
N VAL D 200 -17.05 17.80 2.93
CA VAL D 200 -17.32 19.07 2.30
C VAL D 200 -16.49 19.21 1.03
N ASN D 201 -17.17 19.65 -0.04
CA ASN D 201 -16.51 20.19 -1.22
C ASN D 201 -16.81 21.69 -1.28
N ALA D 202 -15.74 22.48 -1.30
CA ALA D 202 -15.86 23.94 -1.40
C ALA D 202 -15.94 24.43 -2.85
N LEU D 203 -15.26 23.73 -3.76
CA LEU D 203 -15.26 24.05 -5.19
C LEU D 203 -14.62 22.93 -5.99
N GLU D 204 -14.96 22.87 -7.26
CA GLU D 204 -14.34 21.97 -8.21
C GLU D 204 -14.40 20.50 -7.77
N ARG D 205 -13.27 19.81 -7.73
CA ARG D 205 -13.25 18.36 -7.53
C ARG D 205 -13.74 18.01 -6.13
N ALA D 206 -14.61 17.00 -6.06
CA ALA D 206 -15.09 16.44 -4.83
C ALA D 206 -14.47 15.04 -4.77
N ARG D 207 -13.40 14.90 -3.96
CA ARG D 207 -12.73 13.59 -3.83
C ARG D 207 -13.03 13.04 -2.44
N PHE D 208 -13.85 12.00 -2.39
CA PHE D 208 -14.29 11.39 -1.14
C PHE D 208 -13.98 9.92 -1.27
N ASP D 209 -12.74 9.55 -0.96
CA ASP D 209 -12.27 8.18 -1.17
C ASP D 209 -12.36 7.54 0.20
N PHE D 210 -13.34 6.64 0.36
CA PHE D 210 -13.73 6.09 1.65
C PHE D 210 -13.88 4.59 1.43
N LYS D 211 -13.04 3.82 2.11
CA LYS D 211 -12.97 2.37 1.90
C LYS D 211 -12.98 1.61 3.22
N LEU D 212 -13.44 0.36 3.14
CA LEU D 212 -13.51 -0.55 4.27
C LEU D 212 -12.51 -1.70 4.07
N THR D 213 -11.69 -1.96 5.07
CA THR D 213 -10.85 -3.15 5.04
C THR D 213 -11.37 -4.10 6.13
N ILE D 214 -11.68 -5.33 5.72
CA ILE D 214 -12.25 -6.34 6.62
C ILE D 214 -11.13 -7.23 7.17
N PRO D 215 -11.44 -8.05 8.19
CA PRO D 215 -10.40 -8.86 8.82
C PRO D 215 -9.55 -9.71 7.90
N SER D 216 -10.11 -10.16 6.77
CA SER D 216 -9.34 -10.94 5.79
C SER D 216 -8.23 -10.18 5.09
N GLY D 217 -8.34 -8.84 5.14
CA GLY D 217 -7.45 -7.97 4.42
C GLY D 217 -8.05 -7.43 3.15
N ALA D 218 -9.22 -7.95 2.73
CA ALA D 218 -9.86 -7.43 1.51
C ALA D 218 -10.24 -5.96 1.73
N VAL D 219 -10.10 -5.19 0.66
CA VAL D 219 -10.44 -3.76 0.68
C VAL D 219 -11.67 -3.53 -0.20
N LEU D 220 -12.72 -3.00 0.39
CA LEU D 220 -14.03 -2.93 -0.27
C LEU D 220 -14.49 -1.48 -0.44
N ASP D 221 -15.13 -1.23 -1.58
CA ASP D 221 -15.82 0.04 -1.78
C ASP D 221 -17.29 -0.05 -1.40
N ASP D 222 -17.85 -1.26 -1.38
CA ASP D 222 -19.28 -1.50 -1.13
C ASP D 222 -19.48 -1.80 0.34
N PHE D 223 -20.36 -1.07 1.02
CA PHE D 223 -20.64 -1.25 2.45
C PHE D 223 -22.00 -1.90 2.75
N GLN D 224 -22.68 -2.34 1.69
CA GLN D 224 -24.09 -2.73 1.82
C GLN D 224 -24.49 -3.58 3.03
N ASN D 225 -23.84 -4.73 3.19
CA ASN D 225 -24.19 -5.66 4.29
C ASN D 225 -23.46 -5.37 5.59
N TYR D 226 -22.75 -4.24 5.66
CA TYR D 226 -22.06 -3.80 6.86
C TYR D 226 -22.70 -2.57 7.47
N ILE D 227 -23.56 -1.89 6.72
CA ILE D 227 -24.21 -0.68 7.23
C ILE D 227 -25.73 -0.82 7.23
N TYR D 228 -26.34 -0.46 8.37
CA TYR D 228 -27.78 -0.63 8.61
C TYR D 228 -28.45 0.65 9.13
N GLN D 229 -29.75 0.75 8.87
CA GLN D 229 -30.64 1.69 9.51
C GLN D 229 -31.75 0.90 10.18
N PHE D 230 -32.42 1.55 11.12
CA PHE D 230 -33.57 0.95 11.77
C PHE D 230 -34.80 1.77 11.46
N GLY D 231 -35.77 1.14 10.79
CA GLY D 231 -37.04 1.81 10.44
C GLY D 231 -37.74 2.28 11.69
N ASP D 232 -38.31 3.48 11.61
CA ASP D 232 -38.85 4.18 12.77
C ASP D 232 -40.27 3.64 13.05
N LEU D 233 -40.44 2.98 14.19
CA LEU D 233 -41.68 2.25 14.48
C LEU D 233 -42.24 2.59 15.86
#